data_1Y2H
#
_entry.id   1Y2H
#
_cell.length_a   89.541
_cell.length_b   94.178
_cell.length_c   106.819
_cell.angle_alpha   90.00
_cell.angle_beta   90.00
_cell.angle_gamma   90.00
#
_symmetry.space_group_name_H-M   'P 21 21 21'
#
loop_
_entity.id
_entity.type
_entity.pdbx_description
1 polymer "cAMP-specific 3',5'-cyclic phosphodiesterase 4B"
2 non-polymer 'ZINC ION'
3 non-polymer 'MAGNESIUM ION'
4 non-polymer '1-(2-CHLOROPHENYL)-3,5-DIMETHYL-1H-PYRAZOLE-4-CARBOXYLIC ACID ETHYL ESTER'
5 water water
#
_entity_poly.entity_id   1
_entity_poly.type   'polypeptide(L)'
_entity_poly.pdbx_seq_one_letter_code
;MGSSHHHHHHSSGLVPRGSHMSISRFGVNTENEDHLAKELEDLNKWGLNIFNVAGYSHNRPLT(CME)IMYAIFQERDLL
KTFRISSDTFITYMMTLEDHYHSDVAYHNSLHAADVAQSTHVLLSTPALDAVFTDLEILAAIFAAAIHDVDHPGVSNQFL
INTNSELALMYNDESVLENHHLAVGFKLLQEEHCDIFMNLTKKQRQTLRKMVIDMVLATDMSKHMSLLADLKTMVETKKV
TSSGVLLLDNYTDRIQVLRNMVHCADLSNPTKSLELYRQWTDRIMEEFFQQGDKERERGMEISPMCDKHTASVEKSQVGF
IDYIVHPLWETWADLVQPDAQDILDTLEDNRNWYQSMIPQSPSPPLDEQNRDCQGLMEKFQFELTLDEEDSEGPEKEGEG
HS
;
_entity_poly.pdbx_strand_id   A,B
#
# COMPACT_ATOMS: atom_id res chain seq x y z
N GLU A 33 -0.63 -35.16 -25.28
CA GLU A 33 -0.46 -36.62 -25.45
C GLU A 33 0.39 -37.18 -24.31
N ASP A 34 0.82 -38.44 -24.42
CA ASP A 34 1.68 -39.07 -23.40
C ASP A 34 3.09 -38.46 -23.28
N HIS A 35 3.45 -37.54 -24.17
CA HIS A 35 4.73 -36.81 -24.08
C HIS A 35 4.71 -35.93 -22.83
N LEU A 36 3.52 -35.47 -22.47
CA LEU A 36 3.30 -34.67 -21.27
C LEU A 36 3.72 -35.45 -20.04
N ALA A 37 3.17 -36.67 -19.92
CA ALA A 37 3.44 -37.55 -18.79
C ALA A 37 4.93 -37.76 -18.57
N LYS A 38 5.67 -37.89 -19.67
CA LYS A 38 7.12 -38.09 -19.61
C LYS A 38 7.78 -36.88 -18.92
N GLU A 39 7.33 -35.69 -19.29
CA GLU A 39 7.87 -34.45 -18.71
C GLU A 39 7.51 -34.22 -17.25
N LEU A 40 6.34 -34.69 -16.81
CA LEU A 40 5.93 -34.49 -15.42
C LEU A 40 6.65 -35.45 -14.44
N GLU A 41 7.56 -36.27 -14.96
CA GLU A 41 8.41 -37.12 -14.12
C GLU A 41 9.51 -36.25 -13.52
N ASP A 42 9.76 -35.10 -14.15
CA ASP A 42 10.72 -34.10 -13.68
C ASP A 42 10.01 -32.99 -12.84
N LEU A 43 8.79 -33.27 -12.32
CA LEU A 43 8.01 -32.30 -11.55
C LEU A 43 8.73 -31.76 -10.32
N ASN A 44 9.39 -32.65 -9.57
CA ASN A 44 10.11 -32.27 -8.37
C ASN A 44 11.55 -31.84 -8.65
N LYS A 45 11.91 -31.70 -9.91
CA LYS A 45 13.28 -31.35 -10.32
C LYS A 45 13.43 -29.94 -10.92
N TRP A 46 14.61 -29.36 -10.72
CA TRP A 46 14.95 -28.06 -11.27
C TRP A 46 14.97 -28.11 -12.80
N GLY A 47 15.27 -29.28 -13.35
CA GLY A 47 15.36 -29.48 -14.79
C GLY A 47 14.08 -29.47 -15.59
N LEU A 48 12.92 -29.42 -14.92
CA LEU A 48 11.65 -29.41 -15.65
C LEU A 48 11.67 -28.40 -16.77
N ASN A 49 11.16 -28.80 -17.93
CA ASN A 49 11.04 -27.91 -19.08
C ASN A 49 9.58 -27.47 -19.16
N ILE A 50 9.29 -26.29 -18.61
CA ILE A 50 7.93 -25.76 -18.60
C ILE A 50 7.40 -25.42 -20.00
N PHE A 51 8.29 -25.17 -20.96
CA PHE A 51 7.85 -24.92 -22.35
C PHE A 51 7.26 -26.18 -22.94
N ASN A 52 7.89 -27.32 -22.65
CA ASN A 52 7.40 -28.61 -23.13
C ASN A 52 6.01 -28.94 -22.62
N VAL A 53 5.75 -28.75 -21.33
CA VAL A 53 4.42 -29.07 -20.79
C VAL A 53 3.38 -28.11 -21.35
N ALA A 54 3.81 -26.89 -21.67
CA ALA A 54 2.93 -25.91 -22.30
C ALA A 54 2.47 -26.48 -23.65
N GLY A 55 3.43 -27.01 -24.41
CA GLY A 55 3.18 -27.59 -25.71
C GLY A 55 2.28 -28.82 -25.73
N TYR A 56 2.26 -29.59 -24.65
CA TYR A 56 1.45 -30.81 -24.59
C TYR A 56 0.20 -30.68 -23.70
N SER A 57 -0.19 -29.45 -23.34
CA SER A 57 -1.36 -29.25 -22.47
C SER A 57 -2.38 -28.26 -23.03
N HIS A 58 -2.48 -28.17 -24.36
CA HIS A 58 -3.37 -27.22 -25.02
C HIS A 58 -3.03 -25.78 -24.58
N ASN A 59 -1.73 -25.50 -24.55
CA ASN A 59 -1.21 -24.18 -24.15
C ASN A 59 -1.71 -23.69 -22.78
N ARG A 60 -1.77 -24.60 -21.79
CA ARG A 60 -2.21 -24.26 -20.43
C ARG A 60 -1.22 -24.79 -19.38
N PRO A 61 0.00 -24.24 -19.37
CA PRO A 61 1.04 -24.68 -18.43
C PRO A 61 0.68 -24.50 -16.96
N LEU A 62 0.14 -23.34 -16.61
CA LEU A 62 -0.24 -23.04 -15.24
C LEU A 62 -1.25 -24.02 -14.61
N THR A 63 -2.35 -24.32 -15.31
CA THR A 63 -3.37 -25.27 -14.81
C THR A 63 -2.66 -26.60 -14.51
N ILE A 65 0.56 -27.84 -14.33
CA ILE A 65 1.53 -27.85 -13.22
C ILE A 65 0.92 -27.67 -11.81
N MET A 66 -0.07 -26.80 -11.68
CA MET A 66 -0.68 -26.55 -10.38
C MET A 66 -1.41 -27.80 -9.91
N TYR A 67 -2.11 -28.43 -10.85
CA TYR A 67 -2.80 -29.67 -10.62
C TYR A 67 -1.77 -30.75 -10.24
N ALA A 68 -0.66 -30.80 -10.98
CA ALA A 68 0.40 -31.78 -10.74
C ALA A 68 1.05 -31.59 -9.36
N ILE A 69 1.24 -30.33 -8.98
CA ILE A 69 1.84 -29.97 -7.69
C ILE A 69 0.93 -30.28 -6.48
N PHE A 70 -0.38 -30.06 -6.62
CA PHE A 70 -1.32 -30.26 -5.51
C PHE A 70 -1.61 -31.74 -5.31
N GLN A 71 -1.50 -32.52 -6.37
CA GLN A 71 -1.65 -33.97 -6.31
C GLN A 71 -0.43 -34.55 -5.63
N GLU A 72 0.74 -34.10 -6.07
CA GLU A 72 2.03 -34.53 -5.54
C GLU A 72 2.14 -34.25 -4.04
N ARG A 73 1.77 -33.03 -3.64
CA ARG A 73 1.84 -32.62 -2.23
C ARG A 73 0.60 -32.98 -1.39
N ASP A 74 -0.35 -33.72 -1.96
CA ASP A 74 -1.54 -34.14 -1.24
C ASP A 74 -2.35 -32.95 -0.68
N LEU A 75 -2.23 -31.78 -1.31
CA LEU A 75 -2.92 -30.60 -0.82
C LEU A 75 -4.44 -30.64 -0.97
N LEU A 76 -4.93 -31.28 -2.04
CA LEU A 76 -6.38 -31.36 -2.27
C LEU A 76 -7.04 -32.17 -1.15
N LYS A 77 -6.39 -33.22 -0.70
CA LYS A 77 -6.91 -34.04 0.39
C LYS A 77 -6.83 -33.30 1.73
N THR A 78 -5.65 -32.79 2.07
CA THR A 78 -5.42 -32.10 3.35
C THR A 78 -6.35 -30.92 3.61
N PHE A 79 -6.68 -30.17 2.55
CA PHE A 79 -7.54 -28.99 2.69
C PHE A 79 -8.94 -29.17 2.11
N ARG A 80 -9.28 -30.41 1.77
CA ARG A 80 -10.61 -30.74 1.25
C ARG A 80 -11.01 -29.76 0.16
N ILE A 81 -10.16 -29.64 -0.84
CA ILE A 81 -10.44 -28.79 -1.97
C ILE A 81 -11.01 -29.69 -3.03
N SER A 82 -12.25 -29.41 -3.43
CA SER A 82 -12.89 -30.15 -4.51
C SER A 82 -11.95 -30.07 -5.74
N SER A 83 -11.80 -31.19 -6.43
CA SER A 83 -10.93 -31.28 -7.61
C SER A 83 -11.48 -30.47 -8.78
N ASP A 84 -12.80 -30.58 -8.97
CA ASP A 84 -13.51 -29.91 -10.05
C ASP A 84 -13.32 -28.39 -9.91
N THR A 85 -13.57 -27.90 -8.69
CA THR A 85 -13.44 -26.48 -8.35
C THR A 85 -12.04 -25.92 -8.58
N PHE A 86 -11.02 -26.71 -8.26
CA PHE A 86 -9.65 -26.29 -8.40
C PHE A 86 -9.26 -26.07 -9.86
N ILE A 87 -9.78 -26.90 -10.75
CA ILE A 87 -9.50 -26.77 -12.17
C ILE A 87 -10.09 -25.48 -12.73
N THR A 88 -11.39 -25.27 -12.45
CA THR A 88 -12.08 -24.08 -12.94
C THR A 88 -11.40 -22.79 -12.51
N TYR A 89 -10.98 -22.73 -11.25
CA TYR A 89 -10.28 -21.54 -10.74
C TYR A 89 -9.00 -21.30 -11.51
N MET A 90 -8.19 -22.34 -11.64
CA MET A 90 -6.90 -22.27 -12.30
C MET A 90 -6.97 -21.88 -13.75
N MET A 91 -8.02 -22.33 -14.43
CA MET A 91 -8.23 -22.02 -15.83
C MET A 91 -8.64 -20.57 -15.95
N THR A 92 -9.55 -20.14 -15.10
CA THR A 92 -10.01 -18.75 -15.04
C THR A 92 -8.84 -17.80 -14.77
N LEU A 93 -7.98 -18.21 -13.83
CA LEU A 93 -6.81 -17.44 -13.41
C LEU A 93 -5.80 -17.35 -14.53
N GLU A 94 -5.57 -18.47 -15.20
CA GLU A 94 -4.65 -18.57 -16.33
C GLU A 94 -5.14 -17.76 -17.54
N ASP A 95 -6.46 -17.56 -17.58
CA ASP A 95 -7.14 -16.80 -18.63
C ASP A 95 -6.95 -15.28 -18.47
N HIS A 96 -6.73 -14.86 -17.22
CA HIS A 96 -6.45 -13.46 -16.89
C HIS A 96 -4.97 -13.11 -17.05
N TYR A 97 -4.12 -14.09 -17.34
CA TYR A 97 -2.72 -13.77 -17.66
C TYR A 97 -2.78 -13.52 -19.15
N HIS A 98 -2.42 -12.32 -19.59
CA HIS A 98 -2.51 -11.96 -21.01
C HIS A 98 -1.61 -12.81 -21.87
N SER A 99 -2.20 -13.55 -22.79
CA SER A 99 -1.45 -14.42 -23.71
C SER A 99 -0.63 -13.64 -24.76
N ASP A 100 -0.96 -12.38 -24.99
CA ASP A 100 -0.23 -11.55 -25.97
C ASP A 100 0.89 -10.69 -25.36
N VAL A 101 1.35 -11.06 -24.16
CA VAL A 101 2.45 -10.36 -23.49
C VAL A 101 3.65 -11.33 -23.43
N ALA A 102 4.78 -10.91 -23.99
CA ALA A 102 5.97 -11.77 -24.17
C ALA A 102 6.48 -12.60 -22.98
N TYR A 103 6.69 -11.97 -21.82
CA TYR A 103 7.20 -12.70 -20.67
C TYR A 103 6.13 -12.95 -19.60
N HIS A 104 5.39 -11.93 -19.21
CA HIS A 104 4.50 -12.03 -18.06
C HIS A 104 3.14 -12.73 -18.31
N ASN A 105 3.20 -13.86 -19.03
CA ASN A 105 2.05 -14.67 -19.37
C ASN A 105 1.92 -15.88 -18.41
N SER A 106 1.02 -16.80 -18.72
CA SER A 106 0.77 -17.95 -17.84
C SER A 106 1.97 -18.88 -17.72
N LEU A 107 2.83 -18.89 -18.73
CA LEU A 107 4.03 -19.72 -18.73
C LEU A 107 4.91 -19.43 -17.53
N HIS A 108 5.07 -18.15 -17.23
CA HIS A 108 5.89 -17.68 -16.13
C HIS A 108 5.30 -18.03 -14.75
N ALA A 109 3.98 -17.88 -14.60
CA ALA A 109 3.34 -18.24 -13.36
C ALA A 109 3.57 -19.74 -13.09
N ALA A 110 3.40 -20.54 -14.13
CA ALA A 110 3.61 -21.96 -14.01
C ALA A 110 5.03 -22.29 -13.60
N ASP A 111 6.00 -21.57 -14.19
CA ASP A 111 7.40 -21.79 -13.92
C ASP A 111 7.79 -21.43 -12.49
N VAL A 112 7.34 -20.27 -12.02
CA VAL A 112 7.62 -19.83 -10.66
C VAL A 112 6.89 -20.78 -9.69
N ALA A 113 5.66 -21.15 -10.03
CA ALA A 113 4.92 -22.09 -9.21
C ALA A 113 5.71 -23.41 -9.01
N GLN A 114 6.34 -23.90 -10.07
CA GLN A 114 7.05 -25.19 -10.05
C GLN A 114 8.37 -25.11 -9.31
N SER A 115 9.12 -24.03 -9.55
CA SER A 115 10.39 -23.78 -8.90
C SER A 115 10.22 -23.61 -7.40
N THR A 116 9.15 -22.93 -7.02
CA THR A 116 8.83 -22.68 -5.63
C THR A 116 8.59 -24.02 -4.98
N HIS A 117 7.87 -24.89 -5.69
CA HIS A 117 7.55 -26.24 -5.24
C HIS A 117 8.84 -27.09 -5.02
N VAL A 118 9.88 -26.81 -5.81
CA VAL A 118 11.16 -27.50 -5.70
C VAL A 118 12.00 -26.93 -4.55
N LEU A 119 12.13 -25.61 -4.51
CA LEU A 119 12.84 -24.91 -3.44
C LEU A 119 12.25 -25.22 -2.07
N LEU A 120 10.94 -25.53 -2.05
CA LEU A 120 10.23 -25.86 -0.81
C LEU A 120 10.61 -27.23 -0.29
N SER A 121 11.12 -28.09 -1.19
CA SER A 121 11.51 -29.46 -0.85
C SER A 121 12.99 -29.58 -0.51
N THR A 122 13.73 -28.48 -0.63
CA THR A 122 15.16 -28.49 -0.35
C THR A 122 15.46 -29.07 1.06
N PRO A 123 16.48 -29.92 1.16
CA PRO A 123 16.82 -30.62 2.41
C PRO A 123 16.89 -29.77 3.69
N ALA A 124 17.44 -28.57 3.60
CA ALA A 124 17.59 -27.70 4.77
C ALA A 124 16.25 -27.24 5.37
N LEU A 125 15.21 -27.15 4.54
CA LEU A 125 13.89 -26.73 5.00
C LEU A 125 12.91 -27.88 5.19
N ASP A 126 13.39 -29.04 5.60
CA ASP A 126 12.53 -30.22 5.76
C ASP A 126 11.63 -30.18 7.01
N ALA A 127 10.31 -30.22 6.78
CA ALA A 127 9.30 -30.19 7.83
C ALA A 127 9.29 -28.89 8.64
N VAL A 128 9.88 -27.84 8.07
CA VAL A 128 9.97 -26.53 8.71
C VAL A 128 8.66 -25.75 8.56
N PHE A 129 8.04 -25.89 7.40
CA PHE A 129 6.80 -25.16 7.09
C PHE A 129 5.57 -26.04 7.24
N THR A 130 4.48 -25.47 7.76
CA THR A 130 3.21 -26.19 7.88
C THR A 130 2.59 -26.30 6.49
N ASP A 131 1.61 -27.19 6.35
CA ASP A 131 0.93 -27.38 5.06
C ASP A 131 0.11 -26.16 4.63
N LEU A 132 -0.20 -25.26 5.57
CA LEU A 132 -0.91 -24.02 5.24
C LEU A 132 0.06 -23.05 4.59
N GLU A 133 1.29 -23.03 5.10
CA GLU A 133 2.35 -22.17 4.57
C GLU A 133 2.86 -22.66 3.20
N ILE A 134 2.92 -23.97 2.98
CA ILE A 134 3.31 -24.54 1.69
C ILE A 134 2.24 -24.18 0.66
N LEU A 135 0.98 -24.34 1.03
CA LEU A 135 -0.14 -23.96 0.16
C LEU A 135 -0.08 -22.48 -0.20
N ALA A 136 0.28 -21.65 0.77
CA ALA A 136 0.34 -20.22 0.56
C ALA A 136 1.44 -19.83 -0.44
N ALA A 137 2.61 -20.43 -0.30
CA ALA A 137 3.76 -20.14 -1.16
C ALA A 137 3.51 -20.48 -2.61
N ILE A 138 3.01 -21.67 -2.89
CA ILE A 138 2.75 -22.07 -4.27
C ILE A 138 1.57 -21.29 -4.86
N PHE A 139 0.49 -21.17 -4.08
CA PHE A 139 -0.68 -20.41 -4.52
C PHE A 139 -0.23 -18.99 -4.84
N ALA A 140 0.66 -18.45 -4.02
CA ALA A 140 1.19 -17.10 -4.23
C ALA A 140 1.95 -16.98 -5.55
N ALA A 141 2.82 -17.95 -5.82
CA ALA A 141 3.61 -17.96 -7.07
C ALA A 141 2.72 -18.06 -8.31
N ALA A 142 1.61 -18.74 -8.17
CA ALA A 142 0.63 -18.94 -9.25
C ALA A 142 -0.15 -17.67 -9.60
N ILE A 143 -0.48 -16.83 -8.62
CA ILE A 143 -1.20 -15.59 -8.87
C ILE A 143 -0.30 -14.36 -8.90
N HIS A 144 0.99 -14.55 -8.61
CA HIS A 144 1.94 -13.46 -8.37
C HIS A 144 2.10 -12.39 -9.48
N ASP A 145 1.65 -12.69 -10.70
CA ASP A 145 1.71 -11.73 -11.81
C ASP A 145 0.43 -11.72 -12.66
N VAL A 146 -0.69 -12.16 -12.07
CA VAL A 146 -1.93 -12.29 -12.84
C VAL A 146 -2.44 -10.93 -13.29
N ASP A 147 -2.78 -10.86 -14.58
CA ASP A 147 -3.26 -9.63 -15.24
C ASP A 147 -2.16 -8.60 -15.49
N HIS A 148 -0.93 -9.07 -15.65
CA HIS A 148 0.20 -8.17 -15.93
C HIS A 148 -0.01 -7.58 -17.33
N PRO A 149 0.04 -6.26 -17.44
CA PRO A 149 -0.16 -5.57 -18.72
C PRO A 149 1.05 -5.53 -19.66
N GLY A 150 2.23 -5.89 -19.19
CA GLY A 150 3.42 -5.91 -20.03
C GLY A 150 4.33 -4.70 -19.95
N VAL A 151 4.01 -3.80 -19.03
CA VAL A 151 4.81 -2.60 -18.79
C VAL A 151 5.17 -2.56 -17.29
N SER A 152 6.15 -1.74 -16.91
CA SER A 152 6.61 -1.68 -15.50
C SER A 152 5.73 -0.80 -14.57
N ASN A 153 6.08 -0.77 -13.29
CA ASN A 153 5.40 0.05 -12.29
C ASN A 153 5.71 1.50 -12.59
N GLN A 154 6.95 1.74 -13.02
CA GLN A 154 7.43 3.07 -13.36
C GLN A 154 6.72 3.66 -14.56
N PHE A 155 6.43 2.81 -15.56
CA PHE A 155 5.78 3.27 -16.79
C PHE A 155 4.35 3.68 -16.49
N LEU A 156 3.62 2.82 -15.77
CA LEU A 156 2.25 3.06 -15.38
C LEU A 156 2.11 4.33 -14.54
N ILE A 157 3.12 4.63 -13.74
CA ILE A 157 3.14 5.82 -12.89
C ILE A 157 3.34 7.09 -13.71
N ASN A 158 4.27 7.07 -14.66
CA ASN A 158 4.59 8.26 -15.50
C ASN A 158 3.56 8.55 -16.59
N THR A 159 2.65 7.61 -16.82
CA THR A 159 1.59 7.80 -17.82
C THR A 159 0.24 7.96 -17.14
N ASN A 160 0.26 8.07 -15.81
CA ASN A 160 -0.95 8.25 -15.01
C ASN A 160 -2.04 7.18 -15.24
N SER A 161 -1.64 5.93 -15.44
CA SER A 161 -2.62 4.87 -15.67
C SER A 161 -3.60 4.75 -14.49
N GLU A 162 -4.82 4.31 -14.81
CA GLU A 162 -5.85 4.13 -13.80
C GLU A 162 -5.32 3.34 -12.59
N LEU A 163 -4.42 2.39 -12.86
CA LEU A 163 -3.80 1.54 -11.83
C LEU A 163 -2.86 2.26 -10.86
N ALA A 164 -2.05 3.18 -11.37
CA ALA A 164 -1.15 3.93 -10.51
C ALA A 164 -2.01 4.79 -9.59
N LEU A 165 -2.98 5.46 -10.22
CA LEU A 165 -3.93 6.31 -9.52
C LEU A 165 -4.62 5.53 -8.41
N MET A 166 -5.07 4.35 -8.75
CA MET A 166 -5.79 3.48 -7.86
C MET A 166 -4.99 3.14 -6.60
N TYR A 167 -3.70 2.84 -6.82
CA TYR A 167 -2.80 2.36 -5.78
C TYR A 167 -1.79 3.37 -5.25
N ASN A 168 -1.93 4.64 -5.64
CA ASN A 168 -1.08 5.72 -5.16
C ASN A 168 0.41 5.50 -5.35
N ASP A 169 0.77 4.96 -6.51
CA ASP A 169 2.16 4.78 -6.93
C ASP A 169 3.02 3.80 -6.12
N GLU A 170 2.44 3.06 -5.19
CA GLU A 170 3.20 2.12 -4.38
C GLU A 170 2.88 0.69 -4.79
N SER A 171 3.92 -0.02 -5.25
CA SER A 171 3.81 -1.40 -5.71
C SER A 171 2.50 -1.61 -6.48
N VAL A 172 2.31 -0.79 -7.51
CA VAL A 172 1.10 -0.79 -8.31
C VAL A 172 0.71 -2.16 -8.86
N LEU A 173 1.58 -2.74 -9.67
CA LEU A 173 1.30 -4.04 -10.28
C LEU A 173 1.03 -5.17 -9.28
N GLU A 174 1.82 -5.23 -8.19
CA GLU A 174 1.77 -6.34 -7.24
C GLU A 174 0.53 -6.28 -6.38
N ASN A 175 0.13 -5.07 -6.04
CA ASN A 175 -1.10 -4.86 -5.32
C ASN A 175 -2.25 -5.36 -6.19
N HIS A 176 -2.15 -5.08 -7.49
CA HIS A 176 -3.20 -5.48 -8.44
C HIS A 176 -3.26 -6.98 -8.64
N HIS A 177 -2.11 -7.61 -8.82
CA HIS A 177 -2.07 -9.06 -9.02
C HIS A 177 -2.79 -9.71 -7.84
N LEU A 178 -2.53 -9.21 -6.64
CA LEU A 178 -3.16 -9.72 -5.43
C LEU A 178 -4.65 -9.46 -5.41
N ALA A 179 -5.05 -8.30 -5.93
CA ALA A 179 -6.47 -7.91 -5.98
C ALA A 179 -7.28 -8.84 -6.87
N VAL A 180 -6.76 -9.14 -8.07
CA VAL A 180 -7.39 -10.06 -9.01
C VAL A 180 -7.41 -11.51 -8.47
N GLY A 181 -6.26 -11.99 -8.02
CA GLY A 181 -6.14 -13.34 -7.51
C GLY A 181 -7.16 -13.67 -6.45
N PHE A 182 -7.43 -12.69 -5.57
CA PHE A 182 -8.40 -12.88 -4.50
C PHE A 182 -9.84 -12.53 -4.91
N LYS A 183 -10.02 -11.70 -5.96
CA LYS A 183 -11.38 -11.38 -6.43
C LYS A 183 -11.99 -12.62 -7.05
N LEU A 184 -11.15 -13.44 -7.66
CA LEU A 184 -11.58 -14.68 -8.31
C LEU A 184 -12.07 -15.75 -7.32
N LEU A 185 -11.73 -15.61 -6.04
CA LEU A 185 -12.19 -16.53 -4.99
C LEU A 185 -13.51 -16.10 -4.32
N GLN A 186 -14.08 -14.98 -4.80
CA GLN A 186 -15.35 -14.47 -4.30
C GLN A 186 -16.43 -15.04 -5.21
N GLU A 187 -16.61 -16.34 -5.13
CA GLU A 187 -17.60 -17.07 -5.93
C GLU A 187 -17.59 -18.51 -5.46
N GLU A 188 -18.75 -19.14 -5.37
CA GLU A 188 -18.85 -20.54 -4.90
C GLU A 188 -18.15 -21.52 -5.85
N HIS A 189 -18.41 -21.40 -7.15
CA HIS A 189 -17.83 -22.31 -8.14
C HIS A 189 -16.30 -22.15 -8.29
N CYS A 190 -15.72 -21.11 -7.67
CA CYS A 190 -14.27 -20.86 -7.77
C CYS A 190 -13.50 -20.74 -6.43
N ASP A 191 -14.17 -20.78 -5.28
CA ASP A 191 -13.47 -20.59 -3.99
C ASP A 191 -12.82 -21.89 -3.47
N ILE A 192 -11.53 -22.04 -3.76
CA ILE A 192 -10.79 -23.24 -3.33
C ILE A 192 -10.54 -23.30 -1.82
N PHE A 193 -10.52 -22.16 -1.13
CA PHE A 193 -10.27 -22.13 0.31
C PHE A 193 -11.56 -22.19 1.14
N MET A 194 -12.60 -22.75 0.53
CA MET A 194 -13.91 -22.88 1.17
C MET A 194 -13.89 -23.74 2.44
N ASN A 195 -12.99 -24.73 2.51
CA ASN A 195 -12.92 -25.61 3.66
C ASN A 195 -11.70 -25.37 4.54
N LEU A 196 -11.32 -24.10 4.62
CA LEU A 196 -10.28 -23.64 5.52
C LEU A 196 -11.03 -22.89 6.59
N THR A 197 -10.62 -23.03 7.85
CA THR A 197 -11.29 -22.30 8.93
C THR A 197 -11.14 -20.79 8.74
N LYS A 198 -11.87 -20.05 9.56
CA LYS A 198 -11.81 -18.60 9.55
C LYS A 198 -10.35 -18.17 9.74
N LYS A 199 -9.70 -18.79 10.73
CA LYS A 199 -8.30 -18.47 11.04
C LYS A 199 -7.34 -18.94 9.95
N GLN A 200 -7.64 -20.09 9.34
CA GLN A 200 -6.79 -20.63 8.29
C GLN A 200 -6.80 -19.77 7.02
N ARG A 201 -7.95 -19.18 6.71
CA ARG A 201 -8.13 -18.33 5.51
C ARG A 201 -7.42 -16.99 5.67
N GLN A 202 -7.56 -16.42 6.87
CA GLN A 202 -6.95 -15.15 7.23
C GLN A 202 -5.42 -15.29 7.36
N THR A 203 -4.99 -16.39 7.96
CA THR A 203 -3.58 -16.68 8.17
C THR A 203 -2.87 -16.92 6.85
N LEU A 204 -3.61 -17.35 5.83
CA LEU A 204 -3.05 -17.58 4.49
C LEU A 204 -3.10 -16.28 3.70
N ARG A 205 -4.22 -15.57 3.80
CA ARG A 205 -4.41 -14.30 3.11
C ARG A 205 -3.26 -13.35 3.44
N LYS A 206 -2.92 -13.31 4.73
CA LYS A 206 -1.85 -12.50 5.27
C LYS A 206 -0.51 -12.85 4.65
N MET A 207 -0.21 -14.16 4.58
CA MET A 207 1.05 -14.65 4.03
C MET A 207 1.19 -14.45 2.53
N VAL A 208 0.11 -14.71 1.79
CA VAL A 208 0.10 -14.54 0.33
C VAL A 208 0.36 -13.08 -0.03
N ILE A 209 -0.35 -12.15 0.62
CA ILE A 209 -0.18 -10.72 0.37
C ILE A 209 1.28 -10.30 0.56
N ASP A 210 1.91 -10.84 1.60
CA ASP A 210 3.30 -10.55 1.90
C ASP A 210 4.23 -11.09 0.84
N MET A 211 4.00 -12.33 0.40
CA MET A 211 4.87 -12.94 -0.60
C MET A 211 4.84 -12.20 -1.94
N VAL A 212 3.64 -11.88 -2.43
CA VAL A 212 3.50 -11.21 -3.72
C VAL A 212 4.03 -9.78 -3.64
N LEU A 213 3.78 -9.08 -2.54
CA LEU A 213 4.32 -7.72 -2.40
C LEU A 213 5.87 -7.74 -2.45
N ALA A 214 6.47 -8.79 -1.89
CA ALA A 214 7.95 -8.95 -1.89
C ALA A 214 8.55 -9.20 -3.28
N THR A 215 7.72 -9.58 -4.27
CA THR A 215 8.21 -9.77 -5.63
C THR A 215 8.44 -8.46 -6.37
N ASP A 216 8.18 -7.32 -5.72
CA ASP A 216 8.37 -6.01 -6.37
C ASP A 216 9.85 -5.68 -6.31
N MET A 217 10.46 -5.51 -7.48
CA MET A 217 11.89 -5.25 -7.56
C MET A 217 12.39 -4.09 -6.69
N SER A 218 11.61 -3.01 -6.59
CA SER A 218 12.03 -1.85 -5.78
C SER A 218 12.37 -2.23 -4.32
N LYS A 219 11.82 -3.35 -3.86
CA LYS A 219 12.06 -3.88 -2.52
C LYS A 219 13.20 -4.89 -2.48
N HIS A 220 13.89 -5.09 -3.61
CA HIS A 220 14.92 -6.12 -3.73
C HIS A 220 16.16 -5.92 -2.86
N MET A 221 16.71 -4.71 -2.89
CA MET A 221 17.93 -4.45 -2.14
C MET A 221 17.74 -4.56 -0.64
N SER A 222 16.56 -4.21 -0.14
CA SER A 222 16.27 -4.32 1.29
C SER A 222 15.99 -5.77 1.67
N LEU A 223 15.44 -6.53 0.73
CA LEU A 223 15.12 -7.93 0.93
C LEU A 223 16.38 -8.79 1.11
N LEU A 224 17.35 -8.55 0.22
CA LEU A 224 18.64 -9.22 0.22
C LEU A 224 19.40 -8.91 1.50
N ALA A 225 19.22 -7.69 2.01
CA ALA A 225 19.88 -7.24 3.24
C ALA A 225 19.32 -7.99 4.46
N ASP A 226 18.01 -8.16 4.51
CA ASP A 226 17.38 -8.88 5.62
C ASP A 226 17.60 -10.38 5.49
N LEU A 227 17.94 -10.84 4.29
CA LEU A 227 18.25 -12.24 4.09
C LEU A 227 19.68 -12.49 4.58
N LYS A 228 20.53 -11.47 4.47
CA LYS A 228 21.91 -11.57 4.92
C LYS A 228 22.00 -11.56 6.45
N THR A 229 21.03 -10.92 7.11
CA THR A 229 20.98 -10.87 8.56
C THR A 229 20.45 -12.20 9.11
N MET A 230 19.66 -12.90 8.30
CA MET A 230 19.11 -14.19 8.67
C MET A 230 20.20 -15.27 8.65
N VAL A 231 21.08 -15.17 7.64
CA VAL A 231 22.19 -16.09 7.46
C VAL A 231 23.22 -15.90 8.56
N GLU A 232 23.42 -14.64 8.97
CA GLU A 232 24.35 -14.29 10.02
C GLU A 232 24.02 -15.01 11.32
N THR A 233 22.73 -15.03 11.68
CA THR A 233 22.28 -15.66 12.92
C THR A 233 21.50 -16.98 12.67
N LYS A 234 21.87 -17.70 11.61
CA LYS A 234 21.22 -18.96 11.25
C LYS A 234 21.56 -20.06 12.25
N LYS A 235 20.54 -20.76 12.73
CA LYS A 235 20.72 -21.83 13.70
C LYS A 235 20.07 -23.12 13.19
N VAL A 236 20.88 -24.05 12.72
CA VAL A 236 20.40 -25.34 12.21
C VAL A 236 20.13 -26.30 13.38
N THR A 237 20.07 -27.59 13.08
CA THR A 237 19.90 -28.63 14.10
C THR A 237 20.97 -29.70 13.85
N SER A 238 20.81 -30.87 14.45
CA SER A 238 21.75 -31.97 14.26
C SER A 238 21.75 -32.52 12.83
N SER A 239 20.58 -32.55 12.20
CA SER A 239 20.44 -33.07 10.84
C SER A 239 20.65 -32.04 9.72
N GLY A 240 21.16 -30.86 10.07
CA GLY A 240 21.40 -29.83 9.08
C GLY A 240 20.08 -29.27 8.57
N VAL A 241 19.19 -28.95 9.50
CA VAL A 241 17.88 -28.39 9.19
C VAL A 241 17.70 -27.10 10.00
N LEU A 242 17.33 -26.02 9.31
CA LEU A 242 17.15 -24.72 9.95
C LEU A 242 16.02 -24.71 10.97
N LEU A 243 16.28 -24.01 12.07
CA LEU A 243 15.33 -23.84 13.15
C LEU A 243 14.80 -22.42 13.03
N LEU A 244 13.53 -22.28 12.65
CA LEU A 244 12.91 -20.96 12.53
C LEU A 244 12.00 -20.71 13.74
N ASP A 245 12.23 -19.58 14.41
CA ASP A 245 11.51 -19.19 15.64
C ASP A 245 10.00 -19.13 15.50
N ASN A 246 9.46 -18.03 14.97
CA ASN A 246 8.03 -17.86 14.77
C ASN A 246 7.74 -17.38 13.34
N TYR A 247 6.50 -16.95 13.11
CA TYR A 247 6.07 -16.42 11.84
C TYR A 247 7.09 -15.48 11.20
N THR A 248 7.67 -14.58 11.99
CA THR A 248 8.62 -13.58 11.44
C THR A 248 9.77 -14.20 10.64
N ASP A 249 10.27 -15.34 11.11
CA ASP A 249 11.38 -16.04 10.47
C ASP A 249 10.94 -16.93 9.31
N ARG A 250 9.78 -17.56 9.45
CA ARG A 250 9.26 -18.46 8.42
C ARG A 250 8.80 -17.67 7.19
N ILE A 251 8.01 -16.61 7.40
CA ILE A 251 7.53 -15.77 6.27
C ILE A 251 8.66 -15.01 5.61
N GLN A 252 9.74 -14.77 6.35
CA GLN A 252 10.91 -14.07 5.79
C GLN A 252 11.62 -14.97 4.79
N VAL A 253 11.74 -16.25 5.11
CA VAL A 253 12.39 -17.21 4.22
C VAL A 253 11.46 -17.58 3.07
N LEU A 254 10.15 -17.45 3.26
CA LEU A 254 9.19 -17.71 2.18
C LEU A 254 9.18 -16.56 1.18
N ARG A 255 9.18 -15.32 1.69
CA ARG A 255 9.24 -14.13 0.86
C ARG A 255 10.43 -14.21 -0.06
N ASN A 256 11.58 -14.59 0.49
CA ASN A 256 12.81 -14.70 -0.28
C ASN A 256 12.80 -15.90 -1.23
N MET A 257 12.12 -16.97 -0.84
CA MET A 257 11.99 -18.16 -1.68
C MET A 257 11.18 -17.85 -2.94
N VAL A 258 10.04 -17.17 -2.79
CA VAL A 258 9.22 -16.79 -3.95
C VAL A 258 9.95 -15.76 -4.80
N HIS A 259 10.73 -14.90 -4.15
CA HIS A 259 11.48 -13.87 -4.83
C HIS A 259 12.58 -14.51 -5.66
N CYS A 260 13.25 -15.52 -5.10
CA CYS A 260 14.30 -16.26 -5.82
C CYS A 260 13.68 -17.01 -6.99
N ALA A 261 12.51 -17.59 -6.75
CA ALA A 261 11.77 -18.33 -7.77
C ALA A 261 11.43 -17.43 -8.94
N ASP A 262 11.12 -16.18 -8.63
CA ASP A 262 10.84 -15.15 -9.62
C ASP A 262 12.09 -14.80 -10.43
N LEU A 263 13.25 -14.78 -9.77
CA LEU A 263 14.55 -14.52 -10.41
C LEU A 263 15.35 -15.80 -10.73
N SER A 264 14.67 -16.92 -10.95
CA SER A 264 15.34 -18.19 -11.20
C SER A 264 15.75 -18.50 -12.65
N ASN A 265 15.29 -17.74 -13.64
CA ASN A 265 15.65 -17.99 -15.04
C ASN A 265 17.14 -18.25 -15.33
N PRO A 266 18.06 -17.43 -14.80
CA PRO A 266 19.49 -17.63 -15.06
C PRO A 266 20.14 -18.81 -14.29
N THR A 267 19.39 -19.52 -13.47
CA THR A 267 19.91 -20.70 -12.75
C THR A 267 19.49 -22.00 -13.44
N LYS A 268 18.57 -21.91 -14.40
CA LYS A 268 18.08 -23.06 -15.14
C LYS A 268 19.08 -23.40 -16.23
N SER A 269 18.88 -24.54 -16.89
CA SER A 269 19.78 -24.96 -17.98
C SER A 269 19.86 -23.86 -19.05
N LEU A 270 21.00 -23.75 -19.73
CA LEU A 270 21.18 -22.70 -20.75
C LEU A 270 20.06 -22.64 -21.79
N GLU A 271 19.60 -23.79 -22.28
CA GLU A 271 18.55 -23.82 -23.30
C GLU A 271 17.26 -23.10 -22.86
N LEU A 272 16.85 -23.36 -21.60
CA LEU A 272 15.65 -22.75 -21.03
C LEU A 272 15.87 -21.27 -20.71
N TYR A 273 17.09 -20.93 -20.31
CA TYR A 273 17.46 -19.57 -19.92
C TYR A 273 17.49 -18.61 -21.10
N ARG A 274 18.09 -19.03 -22.21
CA ARG A 274 18.18 -18.16 -23.38
C ARG A 274 16.80 -17.82 -23.93
N GLN A 275 15.87 -18.76 -23.83
CA GLN A 275 14.50 -18.54 -24.32
C GLN A 275 13.77 -17.52 -23.46
N TRP A 276 14.01 -17.57 -22.15
CA TRP A 276 13.43 -16.61 -21.21
C TRP A 276 13.97 -15.22 -21.53
N THR A 277 15.29 -15.12 -21.77
CA THR A 277 15.91 -13.86 -22.10
C THR A 277 15.21 -13.27 -23.32
N ASP A 278 15.05 -14.09 -24.36
CA ASP A 278 14.38 -13.65 -25.59
C ASP A 278 12.99 -13.07 -25.30
N ARG A 279 12.26 -13.70 -24.38
CA ARG A 279 10.91 -13.29 -23.99
C ARG A 279 10.86 -12.02 -23.15
N ILE A 280 11.84 -11.81 -22.27
CA ILE A 280 11.84 -10.62 -21.44
C ILE A 280 12.37 -9.41 -22.21
N MET A 281 13.19 -9.64 -23.24
CA MET A 281 13.70 -8.56 -24.10
C MET A 281 12.64 -8.18 -25.10
N GLU A 282 11.72 -9.10 -25.39
CA GLU A 282 10.63 -8.80 -26.32
C GLU A 282 9.66 -7.87 -25.60
N GLU A 283 9.32 -8.23 -24.36
CA GLU A 283 8.41 -7.42 -23.56
C GLU A 283 9.02 -6.05 -23.28
N PHE A 284 10.29 -6.02 -22.88
CA PHE A 284 11.00 -4.76 -22.58
C PHE A 284 11.09 -3.84 -23.80
N PHE A 285 11.39 -4.39 -24.96
CA PHE A 285 11.54 -3.59 -26.19
C PHE A 285 10.21 -3.03 -26.67
N GLN A 286 9.11 -3.75 -26.43
CA GLN A 286 7.78 -3.26 -26.78
C GLN A 286 7.39 -2.10 -25.85
N GLN A 287 7.83 -2.16 -24.59
CA GLN A 287 7.62 -1.05 -23.65
C GLN A 287 8.47 0.14 -24.10
N GLY A 288 9.63 -0.14 -24.71
CA GLY A 288 10.52 0.90 -25.21
C GLY A 288 9.91 1.60 -26.40
N ASP A 289 9.21 0.83 -27.24
CA ASP A 289 8.53 1.34 -28.43
C ASP A 289 7.37 2.22 -27.97
N LYS A 290 6.57 1.71 -27.02
CA LYS A 290 5.42 2.41 -26.43
C LYS A 290 5.85 3.75 -25.83
N GLU A 291 7.01 3.77 -25.18
CA GLU A 291 7.57 4.98 -24.58
C GLU A 291 8.01 5.99 -25.64
N ARG A 292 8.57 5.51 -26.74
CA ARG A 292 9.03 6.36 -27.83
C ARG A 292 7.88 7.05 -28.58
N GLU A 293 6.73 6.37 -28.64
CA GLU A 293 5.54 6.88 -29.33
C GLU A 293 4.95 8.06 -28.57
N ARG A 294 4.87 7.91 -27.25
CA ARG A 294 4.32 8.92 -26.37
C ARG A 294 5.29 10.09 -26.10
N GLY A 295 6.50 10.01 -26.63
CA GLY A 295 7.48 11.08 -26.50
C GLY A 295 8.23 11.16 -25.17
N MET A 296 8.09 10.14 -24.34
CA MET A 296 8.76 10.11 -23.05
C MET A 296 10.26 9.90 -23.22
N GLU A 297 10.98 9.88 -22.11
CA GLU A 297 12.41 9.61 -22.12
C GLU A 297 12.55 8.08 -22.10
N ILE A 298 13.25 7.54 -23.09
CA ILE A 298 13.40 6.08 -23.23
C ILE A 298 14.54 5.53 -22.38
N SER A 299 14.21 4.59 -21.48
CA SER A 299 15.20 3.96 -20.60
C SER A 299 16.26 3.23 -21.44
N PRO A 300 17.40 2.87 -20.85
CA PRO A 300 18.48 2.23 -21.61
C PRO A 300 18.24 0.73 -21.92
N MET A 301 17.88 -0.04 -20.92
CA MET A 301 17.64 -1.48 -21.14
C MET A 301 16.38 -1.78 -21.95
N CYS A 302 15.54 -0.76 -22.18
CA CYS A 302 14.31 -0.91 -22.95
C CYS A 302 14.44 -0.44 -24.41
N ASP A 303 15.57 0.19 -24.75
CA ASP A 303 15.84 0.70 -26.11
C ASP A 303 16.39 -0.38 -27.03
N LYS A 304 15.66 -0.72 -28.08
CA LYS A 304 16.09 -1.74 -29.03
C LYS A 304 17.20 -1.29 -30.00
N HIS A 305 17.57 0.00 -29.95
CA HIS A 305 18.60 0.56 -30.85
C HIS A 305 19.99 0.74 -30.23
N THR A 306 20.14 0.45 -28.94
CA THR A 306 21.43 0.55 -28.25
C THR A 306 21.69 -0.58 -27.21
N ALA A 307 20.62 -1.20 -26.72
CA ALA A 307 20.74 -2.26 -25.72
C ALA A 307 21.32 -3.56 -26.29
N SER A 308 22.18 -4.18 -25.50
CA SER A 308 22.81 -5.43 -25.84
C SER A 308 22.07 -6.46 -25.02
N VAL A 309 21.43 -7.42 -25.67
CA VAL A 309 20.73 -8.48 -24.93
C VAL A 309 21.72 -9.22 -24.03
N GLU A 310 22.97 -9.30 -24.51
CA GLU A 310 24.03 -10.07 -23.87
C GLU A 310 24.64 -9.38 -22.65
N LYS A 311 24.82 -8.07 -22.72
CA LYS A 311 25.35 -7.32 -21.57
C LYS A 311 24.24 -7.14 -20.53
N SER A 312 22.99 -7.18 -20.97
CA SER A 312 21.86 -7.03 -20.07
C SER A 312 21.82 -8.20 -19.09
N GLN A 313 22.17 -9.40 -19.55
CA GLN A 313 22.16 -10.60 -18.70
C GLN A 313 23.38 -10.66 -17.80
N VAL A 314 24.54 -10.25 -18.32
CA VAL A 314 25.76 -10.25 -17.51
C VAL A 314 25.55 -9.41 -16.26
N GLY A 315 25.09 -8.17 -16.47
CA GLY A 315 24.82 -7.22 -15.40
C GLY A 315 23.67 -7.68 -14.52
N PHE A 316 22.64 -8.22 -15.14
CA PHE A 316 21.50 -8.73 -14.37
C PHE A 316 21.97 -9.81 -13.38
N ILE A 317 22.94 -10.65 -13.79
CA ILE A 317 23.49 -11.71 -12.94
C ILE A 317 24.49 -11.22 -11.88
N ASP A 318 25.34 -10.27 -12.23
CA ASP A 318 26.37 -9.78 -11.31
C ASP A 318 25.84 -8.96 -10.14
N TYR A 319 24.86 -8.10 -10.40
CA TYR A 319 24.30 -7.20 -9.38
C TYR A 319 22.97 -7.61 -8.76
N ILE A 320 22.26 -8.53 -9.39
CA ILE A 320 20.95 -8.94 -8.89
C ILE A 320 20.83 -10.43 -8.59
N VAL A 321 21.00 -11.27 -9.60
CA VAL A 321 20.75 -12.69 -9.44
C VAL A 321 21.76 -13.42 -8.56
N HIS A 322 23.05 -13.27 -8.84
CA HIS A 322 24.11 -13.96 -8.08
C HIS A 322 24.18 -13.55 -6.61
N PRO A 323 24.19 -12.26 -6.30
CA PRO A 323 24.18 -11.83 -4.89
C PRO A 323 23.04 -12.43 -4.09
N LEU A 324 21.89 -12.58 -4.74
CA LEU A 324 20.70 -13.14 -4.11
C LEU A 324 20.82 -14.64 -3.91
N TRP A 325 21.26 -15.35 -4.95
CA TRP A 325 21.39 -16.81 -4.91
C TRP A 325 22.63 -17.28 -4.15
N GLU A 326 23.60 -16.38 -3.97
CA GLU A 326 24.80 -16.67 -3.22
C GLU A 326 24.42 -16.69 -1.74
N THR A 327 23.46 -15.82 -1.39
CA THR A 327 22.95 -15.69 -0.04
C THR A 327 21.99 -16.82 0.27
N TRP A 328 21.14 -17.16 -0.71
CA TRP A 328 20.17 -18.24 -0.51
C TRP A 328 20.93 -19.54 -0.37
N ALA A 329 21.95 -19.73 -1.20
CA ALA A 329 22.80 -20.92 -1.13
C ALA A 329 23.46 -21.04 0.23
N ASP A 330 23.87 -19.91 0.81
CA ASP A 330 24.50 -19.89 2.13
C ASP A 330 23.48 -20.31 3.17
N LEU A 331 22.22 -19.92 2.95
CA LEU A 331 21.14 -20.24 3.87
C LEU A 331 20.82 -21.73 3.90
N VAL A 332 20.96 -22.39 2.76
CA VAL A 332 20.61 -23.82 2.66
C VAL A 332 21.75 -24.73 2.19
N GLN A 333 23.00 -24.25 2.23
CA GLN A 333 24.13 -25.05 1.74
C GLN A 333 24.17 -26.45 2.36
N PRO A 334 24.61 -27.45 1.59
CA PRO A 334 25.08 -27.32 0.21
C PRO A 334 23.99 -27.67 -0.82
N ASP A 335 22.71 -27.57 -0.43
CA ASP A 335 21.57 -27.90 -1.29
C ASP A 335 21.52 -27.14 -2.62
N ALA A 336 21.88 -25.86 -2.59
CA ALA A 336 21.84 -25.02 -3.78
C ALA A 336 23.21 -24.79 -4.44
N GLN A 337 24.10 -25.76 -4.30
CA GLN A 337 25.45 -25.63 -4.86
C GLN A 337 25.48 -25.87 -6.36
N ASP A 338 24.63 -26.80 -6.81
CA ASP A 338 24.53 -27.15 -8.23
C ASP A 338 23.95 -25.97 -9.03
N ILE A 339 23.04 -25.22 -8.41
CA ILE A 339 22.42 -24.04 -9.04
C ILE A 339 23.45 -22.91 -9.21
N LEU A 340 24.24 -22.69 -8.17
CA LEU A 340 25.27 -21.65 -8.15
C LEU A 340 26.30 -21.85 -9.27
N ASP A 341 26.66 -23.12 -9.52
CA ASP A 341 27.61 -23.48 -10.58
C ASP A 341 26.98 -23.22 -11.95
N THR A 342 25.69 -23.57 -12.09
CA THR A 342 24.95 -23.36 -13.35
C THR A 342 24.81 -21.88 -13.68
N LEU A 343 24.72 -21.06 -12.64
CA LEU A 343 24.57 -19.61 -12.79
C LEU A 343 25.87 -18.97 -13.29
N GLU A 344 27.02 -19.44 -12.81
CA GLU A 344 28.31 -18.92 -13.26
C GLU A 344 28.61 -19.34 -14.71
N ASP A 345 28.28 -20.59 -15.05
CA ASP A 345 28.44 -21.12 -16.39
C ASP A 345 27.58 -20.31 -17.36
N ASN A 346 26.31 -20.10 -16.99
CA ASN A 346 25.36 -19.34 -17.80
C ASN A 346 25.85 -17.90 -18.00
N ARG A 347 26.43 -17.34 -16.94
CA ARG A 347 26.96 -15.99 -16.93
C ARG A 347 28.13 -15.86 -17.89
N ASN A 348 29.02 -16.85 -17.88
CA ASN A 348 30.22 -16.85 -18.70
C ASN A 348 29.91 -17.03 -20.20
N TRP A 349 28.88 -17.82 -20.51
CA TRP A 349 28.48 -18.02 -21.90
C TRP A 349 27.98 -16.72 -22.49
N TYR A 350 27.23 -15.96 -21.68
CA TYR A 350 26.69 -14.67 -22.08
C TYR A 350 27.81 -13.61 -22.20
N GLN A 351 28.87 -13.79 -21.42
CA GLN A 351 30.00 -12.86 -21.44
C GLN A 351 30.85 -13.08 -22.69
N SER A 352 30.99 -14.33 -23.11
CA SER A 352 31.78 -14.65 -24.32
C SER A 352 30.97 -14.34 -25.58
N MET A 353 29.66 -14.13 -25.43
CA MET A 353 28.81 -13.77 -26.56
C MET A 353 28.99 -12.29 -26.95
N ILE A 354 29.62 -11.51 -26.07
CA ILE A 354 29.94 -10.09 -26.33
C ILE A 354 31.36 -9.97 -26.90
N PRO A 355 31.55 -9.19 -27.97
CA PRO A 355 32.89 -8.95 -28.51
C PRO A 355 33.63 -7.87 -27.71
N GLU B 33 -23.60 35.49 2.63
CA GLU B 33 -24.46 36.57 3.17
C GLU B 33 -23.76 37.27 4.34
N ASP B 34 -24.53 38.10 5.04
CA ASP B 34 -24.03 38.86 6.19
C ASP B 34 -23.45 37.97 7.30
N HIS B 35 -24.26 37.04 7.81
CA HIS B 35 -23.84 36.16 8.88
C HIS B 35 -22.60 35.36 8.51
N LEU B 36 -22.48 35.00 7.23
CA LEU B 36 -21.35 34.22 6.75
C LEU B 36 -20.02 34.97 6.86
N ALA B 37 -20.02 36.25 6.49
CA ALA B 37 -18.82 37.09 6.56
C ALA B 37 -18.36 37.31 8.00
N LYS B 38 -19.30 37.37 8.95
CA LYS B 38 -18.97 37.55 10.37
C LYS B 38 -18.44 36.26 10.98
N GLU B 39 -18.88 35.12 10.46
CA GLU B 39 -18.40 33.83 10.92
C GLU B 39 -16.99 33.59 10.38
N LEU B 40 -16.75 34.08 9.16
CA LEU B 40 -15.45 33.92 8.47
C LEU B 40 -14.38 34.89 8.93
N GLU B 41 -14.71 35.77 9.88
CA GLU B 41 -13.73 36.70 10.41
C GLU B 41 -12.71 35.95 11.25
N ASP B 42 -13.10 34.79 11.79
CA ASP B 42 -12.21 33.94 12.58
C ASP B 42 -11.58 32.82 11.72
N LEU B 43 -11.31 33.12 10.46
CA LEU B 43 -10.72 32.14 9.53
C LEU B 43 -9.36 31.68 10.00
N ASN B 44 -8.51 32.64 10.37
CA ASN B 44 -7.16 32.38 10.83
C ASN B 44 -7.09 32.08 12.31
N LYS B 45 -8.19 31.62 12.90
CA LYS B 45 -8.25 31.36 14.34
C LYS B 45 -8.82 29.98 14.72
N TRP B 46 -8.31 29.46 15.83
CA TRP B 46 -8.70 28.17 16.37
C TRP B 46 -10.18 28.11 16.77
N GLY B 47 -10.73 29.24 17.24
CA GLY B 47 -12.11 29.31 17.70
C GLY B 47 -13.22 29.38 16.64
N LEU B 48 -12.87 29.24 15.36
CA LEU B 48 -13.86 29.28 14.28
C LEU B 48 -14.96 28.25 14.50
N ASN B 49 -16.18 28.60 14.11
CA ASN B 49 -17.32 27.72 14.23
C ASN B 49 -17.75 27.26 12.85
N ILE B 50 -17.21 26.12 12.43
CA ILE B 50 -17.49 25.54 11.11
C ILE B 50 -18.94 25.05 10.98
N PHE B 51 -19.59 24.77 12.11
CA PHE B 51 -21.00 24.36 12.10
C PHE B 51 -21.84 25.52 11.67
N ASN B 52 -21.43 26.73 12.08
CA ASN B 52 -22.11 27.96 11.71
C ASN B 52 -21.85 28.35 10.24
N VAL B 53 -20.67 28.06 9.71
CA VAL B 53 -20.41 28.41 8.31
C VAL B 53 -21.19 27.45 7.40
N ALA B 54 -21.37 26.22 7.86
CA ALA B 54 -22.14 25.24 7.11
C ALA B 54 -23.58 25.72 6.98
N GLY B 55 -24.07 26.36 8.03
CA GLY B 55 -25.43 26.89 8.04
C GLY B 55 -25.66 28.05 7.10
N TYR B 56 -24.71 28.99 7.06
CA TYR B 56 -24.85 30.20 6.24
C TYR B 56 -24.29 30.07 4.82
N SER B 57 -23.87 28.87 4.44
CA SER B 57 -23.30 28.62 3.11
C SER B 57 -24.12 27.62 2.29
N HIS B 58 -25.35 27.34 2.74
CA HIS B 58 -26.25 26.35 2.10
C HIS B 58 -25.57 24.97 2.09
N ASN B 59 -25.11 24.61 3.28
CA ASN B 59 -24.43 23.34 3.55
C ASN B 59 -23.27 22.96 2.62
N ARG B 60 -22.41 23.93 2.28
CA ARG B 60 -21.19 23.67 1.49
C ARG B 60 -19.95 24.11 2.29
N PRO B 61 -19.80 23.62 3.52
CA PRO B 61 -18.73 24.06 4.40
C PRO B 61 -17.35 23.79 3.84
N LEU B 62 -17.17 22.71 3.08
CA LEU B 62 -15.86 22.41 2.47
C LEU B 62 -15.53 23.31 1.28
N THR B 63 -16.46 23.54 0.35
CA THR B 63 -16.20 24.41 -0.81
C THR B 63 -15.84 25.79 -0.27
N ILE B 65 -15.16 27.19 2.89
CA ILE B 65 -13.90 27.36 3.66
C ILE B 65 -12.63 27.15 2.86
N MET B 66 -12.66 26.32 1.83
CA MET B 66 -11.48 26.10 0.99
C MET B 66 -11.22 27.31 0.08
N TYR B 67 -12.28 27.85 -0.50
CA TYR B 67 -12.19 29.04 -1.35
C TYR B 67 -11.62 30.21 -0.54
N ALA B 68 -12.11 30.33 0.69
CA ALA B 68 -11.68 31.36 1.64
C ALA B 68 -10.19 31.24 1.94
N ILE B 69 -9.77 30.06 2.40
CA ILE B 69 -8.35 29.79 2.72
C ILE B 69 -7.45 30.07 1.53
N PHE B 70 -7.90 29.67 0.34
CA PHE B 70 -7.08 29.81 -0.85
C PHE B 70 -6.84 31.26 -1.26
N GLN B 71 -7.82 32.15 -1.04
CA GLN B 71 -7.67 33.59 -1.34
C GLN B 71 -6.84 34.31 -0.29
N GLU B 72 -7.08 33.96 0.97
CA GLU B 72 -6.36 34.51 2.12
C GLU B 72 -4.84 34.27 2.00
N ARG B 73 -4.44 33.18 1.33
CA ARG B 73 -3.03 32.81 1.14
C ARG B 73 -2.51 33.15 -0.26
N ASP B 74 -3.39 33.65 -1.13
CA ASP B 74 -3.05 34.03 -2.51
C ASP B 74 -2.68 32.81 -3.38
N LEU B 75 -3.11 31.64 -2.96
CA LEU B 75 -2.81 30.39 -3.66
C LEU B 75 -3.42 30.23 -5.06
N LEU B 76 -4.42 31.03 -5.40
CA LEU B 76 -5.08 30.92 -6.72
C LEU B 76 -4.27 31.68 -7.76
N LYS B 77 -3.69 32.81 -7.37
CA LYS B 77 -2.84 33.59 -8.26
C LYS B 77 -1.41 33.04 -8.29
N THR B 78 -1.01 32.32 -7.24
CA THR B 78 0.33 31.75 -7.13
C THR B 78 0.51 30.57 -8.07
N PHE B 79 -0.49 29.72 -8.14
CA PHE B 79 -0.46 28.54 -8.98
C PHE B 79 -1.48 28.65 -10.12
N ARG B 80 -1.65 29.88 -10.62
CA ARG B 80 -2.57 30.21 -11.71
C ARG B 80 -3.87 29.35 -11.77
N ILE B 81 -4.38 28.90 -10.61
CA ILE B 81 -5.60 28.07 -10.53
C ILE B 81 -6.86 28.90 -10.74
N SER B 82 -7.56 28.69 -11.84
CA SER B 82 -8.79 29.47 -12.13
C SER B 82 -9.86 29.20 -11.07
N SER B 83 -10.55 30.25 -10.65
CA SER B 83 -11.57 30.12 -9.61
C SER B 83 -12.75 29.26 -10.05
N ASP B 84 -13.08 29.27 -11.34
CA ASP B 84 -14.17 28.44 -11.86
C ASP B 84 -13.79 26.98 -11.68
N THR B 85 -12.56 26.64 -12.06
CA THR B 85 -12.04 25.27 -11.96
C THR B 85 -11.96 24.82 -10.51
N PHE B 86 -11.54 25.74 -9.65
CA PHE B 86 -11.37 25.45 -8.24
C PHE B 86 -12.71 25.13 -7.60
N ILE B 87 -13.70 25.98 -7.83
CA ILE B 87 -15.04 25.82 -7.26
C ILE B 87 -15.68 24.51 -7.75
N THR B 88 -15.49 24.20 -9.04
CA THR B 88 -16.06 23.00 -9.64
C THR B 88 -15.49 21.72 -9.04
N TYR B 89 -14.19 21.74 -8.75
CA TYR B 89 -13.52 20.59 -8.16
C TYR B 89 -13.96 20.41 -6.72
N MET B 90 -13.92 21.51 -5.96
CA MET B 90 -14.31 21.47 -4.55
C MET B 90 -15.76 21.09 -4.37
N MET B 91 -16.60 21.50 -5.30
CA MET B 91 -18.02 21.18 -5.24
C MET B 91 -18.18 19.68 -5.42
N THR B 92 -17.41 19.11 -6.34
CA THR B 92 -17.49 17.68 -6.61
C THR B 92 -16.89 16.81 -5.50
N LEU B 93 -15.76 17.27 -4.95
CA LEU B 93 -15.09 16.61 -3.82
C LEU B 93 -16.05 16.54 -2.65
N GLU B 94 -16.66 17.69 -2.36
CA GLU B 94 -17.64 17.78 -1.30
C GLU B 94 -18.85 16.87 -1.56
N ASP B 95 -19.21 16.67 -2.82
CA ASP B 95 -20.34 15.77 -3.18
C ASP B 95 -19.97 14.30 -2.99
N HIS B 96 -18.68 13.98 -2.93
CA HIS B 96 -18.23 12.61 -2.67
C HIS B 96 -18.16 12.24 -1.18
N TYR B 97 -18.43 13.20 -0.31
CA TYR B 97 -18.53 12.95 1.12
C TYR B 97 -20.00 12.61 1.41
N HIS B 98 -20.25 11.55 2.17
CA HIS B 98 -21.61 11.10 2.44
C HIS B 98 -22.33 11.87 3.56
N SER B 99 -23.35 12.62 3.18
CA SER B 99 -24.15 13.36 4.17
C SER B 99 -24.98 12.43 5.08
N ASP B 100 -25.02 11.15 4.75
CA ASP B 100 -25.72 10.13 5.56
C ASP B 100 -24.79 9.49 6.59
N VAL B 101 -23.60 10.03 6.74
CA VAL B 101 -22.58 9.57 7.67
C VAL B 101 -22.45 10.66 8.74
N ALA B 102 -22.57 10.27 10.00
CA ALA B 102 -22.62 11.23 11.11
C ALA B 102 -21.38 12.09 11.32
N TYR B 103 -20.20 11.49 11.19
CA TYR B 103 -18.97 12.23 11.46
C TYR B 103 -18.08 12.47 10.25
N HIS B 104 -17.88 11.45 9.42
CA HIS B 104 -16.97 11.52 8.27
C HIS B 104 -17.62 12.10 7.00
N ASN B 105 -18.09 13.33 7.13
CA ASN B 105 -18.78 14.05 6.06
C ASN B 105 -17.94 15.27 5.70
N SER B 106 -18.42 16.11 4.78
CA SER B 106 -17.62 17.27 4.34
C SER B 106 -17.43 18.38 5.40
N LEU B 107 -18.22 18.36 6.47
CA LEU B 107 -18.06 19.32 7.54
C LEU B 107 -16.78 19.02 8.36
N HIS B 108 -16.47 17.74 8.54
CA HIS B 108 -15.26 17.28 9.21
C HIS B 108 -14.05 17.49 8.31
N ALA B 109 -14.23 17.40 7.00
CA ALA B 109 -13.13 17.66 6.08
C ALA B 109 -12.82 19.14 6.14
N ALA B 110 -13.85 19.96 6.17
CA ALA B 110 -13.74 21.43 6.21
C ALA B 110 -13.01 21.91 7.47
N ASP B 111 -13.31 21.26 8.58
CA ASP B 111 -12.74 21.55 9.87
C ASP B 111 -11.29 21.11 10.00
N VAL B 112 -10.92 20.03 9.32
CA VAL B 112 -9.54 19.52 9.34
C VAL B 112 -8.71 20.42 8.41
N ALA B 113 -9.35 20.89 7.34
CA ALA B 113 -8.70 21.79 6.39
C ALA B 113 -8.49 23.15 7.02
N GLN B 114 -9.49 23.65 7.77
CA GLN B 114 -9.38 24.97 8.41
C GLN B 114 -8.38 24.90 9.56
N SER B 115 -8.50 23.86 10.39
CA SER B 115 -7.58 23.61 11.50
C SER B 115 -6.13 23.54 11.01
N THR B 116 -5.90 23.07 9.78
CA THR B 116 -4.55 22.96 9.19
C THR B 116 -4.04 24.33 8.76
N HIS B 117 -4.90 25.11 8.09
CA HIS B 117 -4.57 26.49 7.66
C HIS B 117 -4.01 27.35 8.79
N VAL B 118 -4.55 27.16 10.00
CA VAL B 118 -4.13 27.92 11.17
C VAL B 118 -2.77 27.41 11.65
N LEU B 119 -2.63 26.09 11.76
CA LEU B 119 -1.38 25.45 12.18
C LEU B 119 -0.16 25.82 11.30
N LEU B 120 -0.41 26.05 10.01
CA LEU B 120 0.64 26.42 9.05
C LEU B 120 1.21 27.80 9.33
N SER B 121 0.44 28.61 10.06
CA SER B 121 0.83 29.95 10.45
C SER B 121 1.27 30.07 11.92
N THR B 122 1.43 28.96 12.62
CA THR B 122 1.88 29.01 14.01
C THR B 122 3.29 29.59 13.95
N PRO B 123 3.54 30.69 14.67
CA PRO B 123 4.81 31.44 14.59
C PRO B 123 6.11 30.63 14.53
N ALA B 124 6.18 29.47 15.17
CA ALA B 124 7.40 28.67 15.17
C ALA B 124 7.75 28.06 13.79
N LEU B 125 6.76 27.97 12.89
CA LEU B 125 6.98 27.45 11.53
C LEU B 125 6.91 28.57 10.48
N ASP B 126 7.13 29.80 10.90
CA ASP B 126 7.07 30.97 10.01
C ASP B 126 8.15 30.98 8.94
N ALA B 127 7.71 30.99 7.67
CA ALA B 127 8.61 31.02 6.49
C ALA B 127 9.50 29.79 6.40
N VAL B 128 8.97 28.63 6.80
CA VAL B 128 9.71 27.37 6.78
C VAL B 128 9.26 26.46 5.63
N PHE B 129 8.09 26.73 5.10
CA PHE B 129 7.52 25.91 4.05
C PHE B 129 7.36 26.68 2.74
N THR B 130 7.61 25.97 1.63
CA THR B 130 7.41 26.48 0.29
C THR B 130 5.92 26.66 0.04
N ASP B 131 5.56 27.52 -0.90
CA ASP B 131 4.17 27.75 -1.24
C ASP B 131 3.51 26.43 -1.66
N LEU B 132 4.29 25.55 -2.29
CA LEU B 132 3.83 24.24 -2.74
C LEU B 132 3.47 23.35 -1.57
N GLU B 133 4.37 23.28 -0.60
CA GLU B 133 4.14 22.46 0.60
C GLU B 133 2.88 22.90 1.34
N ILE B 134 2.58 24.19 1.28
CA ILE B 134 1.38 24.76 1.91
C ILE B 134 0.16 24.31 1.13
N LEU B 135 0.28 24.35 -0.19
CA LEU B 135 -0.78 23.87 -1.08
C LEU B 135 -1.16 22.41 -0.83
N ALA B 136 -0.17 21.57 -0.56
CA ALA B 136 -0.35 20.15 -0.43
C ALA B 136 -1.02 19.78 0.86
N ALA B 137 -0.56 20.41 1.94
CA ALA B 137 -1.09 20.15 3.26
C ALA B 137 -2.56 20.50 3.33
N ILE B 138 -2.95 21.61 2.71
CA ILE B 138 -4.35 22.03 2.74
C ILE B 138 -5.23 21.16 1.83
N PHE B 139 -4.70 20.72 0.69
CA PHE B 139 -5.42 19.83 -0.21
C PHE B 139 -5.65 18.44 0.44
N ALA B 140 -4.65 17.95 1.18
CA ALA B 140 -4.71 16.65 1.80
C ALA B 140 -5.80 16.65 2.85
N ALA B 141 -5.78 17.68 3.67
CA ALA B 141 -6.78 17.87 4.69
C ALA B 141 -8.18 17.71 4.06
N ALA B 142 -8.38 18.40 2.95
CA ALA B 142 -9.67 18.37 2.25
C ALA B 142 -10.11 16.99 1.70
N ILE B 143 -9.16 16.14 1.30
CA ILE B 143 -9.48 14.81 0.75
C ILE B 143 -9.28 13.62 1.71
N HIS B 144 -8.62 13.88 2.84
CA HIS B 144 -8.21 12.85 3.79
C HIS B 144 -9.32 11.83 4.19
N ASP B 145 -10.60 12.21 4.12
CA ASP B 145 -11.70 11.29 4.41
C ASP B 145 -12.74 11.14 3.28
N VAL B 146 -12.42 11.58 2.07
CA VAL B 146 -13.41 11.48 0.99
C VAL B 146 -14.01 10.07 0.71
N ASP B 147 -15.28 10.02 0.41
CA ASP B 147 -15.97 8.77 0.15
C ASP B 147 -15.87 7.77 1.32
N HIS B 148 -15.96 8.28 2.54
CA HIS B 148 -15.89 7.43 3.73
C HIS B 148 -17.27 6.79 3.88
N PRO B 149 -17.35 5.46 3.93
CA PRO B 149 -18.64 4.77 4.09
C PRO B 149 -19.25 4.90 5.49
N GLY B 150 -18.43 5.29 6.47
CA GLY B 150 -18.89 5.43 7.84
C GLY B 150 -18.52 4.25 8.70
N VAL B 151 -17.57 3.44 8.23
CA VAL B 151 -17.10 2.26 8.96
C VAL B 151 -15.57 2.21 8.94
N SER B 152 -15.00 1.54 9.93
CA SER B 152 -13.55 1.45 10.09
C SER B 152 -12.89 0.43 9.20
N ASN B 153 -11.58 0.61 9.00
CA ASN B 153 -10.76 -0.36 8.27
C ASN B 153 -10.98 -1.79 8.76
N GLN B 154 -10.95 -1.98 10.08
CA GLN B 154 -11.11 -3.32 10.67
C GLN B 154 -12.41 -4.02 10.31
N PHE B 155 -13.46 -3.24 10.11
CA PHE B 155 -14.79 -3.73 9.71
C PHE B 155 -14.77 -4.07 8.20
N LEU B 156 -14.12 -3.23 7.39
CA LEU B 156 -14.00 -3.50 5.95
C LEU B 156 -13.24 -4.81 5.70
N ILE B 157 -12.17 -5.04 6.44
CA ILE B 157 -11.38 -6.25 6.28
C ILE B 157 -12.13 -7.48 6.83
N ASN B 158 -12.78 -7.32 7.98
CA ASN B 158 -13.52 -8.42 8.60
C ASN B 158 -14.74 -8.88 7.76
N THR B 159 -15.26 -8.01 6.90
CA THR B 159 -16.47 -8.33 6.11
C THR B 159 -16.16 -8.61 4.63
N ASN B 160 -14.87 -8.68 4.30
CA ASN B 160 -14.42 -8.96 2.93
C ASN B 160 -14.86 -7.91 1.92
N SER B 161 -15.06 -6.68 2.38
CA SER B 161 -15.48 -5.57 1.50
C SER B 161 -14.72 -5.49 0.19
N GLU B 162 -15.31 -4.80 -0.78
CA GLU B 162 -14.67 -4.62 -2.10
C GLU B 162 -13.34 -3.87 -1.97
N LEU B 163 -13.34 -2.78 -1.20
CA LEU B 163 -12.14 -1.96 -0.97
C LEU B 163 -11.02 -2.71 -0.28
N ALA B 164 -11.39 -3.54 0.70
CA ALA B 164 -10.42 -4.32 1.47
C ALA B 164 -9.79 -5.41 0.62
N LEU B 165 -10.49 -5.85 -0.42
CA LEU B 165 -9.98 -6.86 -1.33
C LEU B 165 -9.05 -6.20 -2.33
N MET B 166 -9.39 -4.98 -2.70
CA MET B 166 -8.65 -4.19 -3.65
C MET B 166 -7.31 -3.75 -3.09
N TYR B 167 -7.27 -3.36 -1.80
CA TYR B 167 -6.06 -2.84 -1.16
C TYR B 167 -5.33 -3.81 -0.23
N ASN B 168 -5.65 -5.09 -0.32
CA ASN B 168 -4.94 -6.09 0.48
C ASN B 168 -4.84 -5.74 1.98
N ASP B 169 -5.95 -5.27 2.53
CA ASP B 169 -6.06 -4.91 3.95
C ASP B 169 -5.12 -3.81 4.47
N GLU B 170 -4.40 -3.11 3.59
CA GLU B 170 -3.41 -2.09 3.98
C GLU B 170 -3.89 -0.65 3.75
N SER B 171 -4.15 0.05 4.86
CA SER B 171 -4.64 1.41 4.82
C SER B 171 -5.72 1.47 3.76
N VAL B 172 -6.69 0.58 3.91
CA VAL B 172 -7.80 0.42 2.97
C VAL B 172 -8.49 1.75 2.70
N LEU B 173 -9.15 2.32 3.71
CA LEU B 173 -9.87 3.58 3.56
C LEU B 173 -9.00 4.71 3.04
N GLU B 174 -7.84 4.79 3.66
CA GLU B 174 -6.89 5.85 3.45
C GLU B 174 -6.35 5.88 2.01
N ASN B 175 -6.08 4.70 1.45
CA ASN B 175 -5.60 4.61 0.08
C ASN B 175 -6.74 5.00 -0.87
N HIS B 176 -7.96 4.57 -0.53
CA HIS B 176 -9.13 4.88 -1.33
C HIS B 176 -9.43 6.35 -1.35
N HIS B 177 -9.26 7.02 -0.21
CA HIS B 177 -9.51 8.46 -0.14
C HIS B 177 -8.63 9.21 -1.11
N LEU B 178 -7.37 8.82 -1.22
CA LEU B 178 -6.44 9.46 -2.16
C LEU B 178 -6.78 9.10 -3.60
N ALA B 179 -7.22 7.87 -3.82
CA ALA B 179 -7.59 7.42 -5.17
C ALA B 179 -8.67 8.34 -5.72
N VAL B 180 -9.76 8.47 -4.95
CA VAL B 180 -10.91 9.29 -5.32
C VAL B 180 -10.51 10.75 -5.50
N GLY B 181 -9.67 11.25 -4.62
CA GLY B 181 -9.21 12.63 -4.65
C GLY B 181 -8.48 13.02 -5.91
N PHE B 182 -7.48 12.25 -6.31
CA PHE B 182 -6.69 12.51 -7.52
C PHE B 182 -7.44 12.13 -8.80
N LYS B 183 -8.35 11.17 -8.72
CA LYS B 183 -9.13 10.75 -9.89
C LYS B 183 -10.02 11.89 -10.35
N LEU B 184 -10.38 12.78 -9.44
CA LEU B 184 -11.23 13.93 -9.77
C LEU B 184 -10.50 15.06 -10.49
N LEU B 185 -9.16 15.02 -10.48
CA LEU B 185 -8.34 16.00 -11.20
C LEU B 185 -8.19 15.62 -12.66
N GLN B 186 -8.52 14.37 -13.00
CA GLN B 186 -8.43 13.88 -14.39
C GLN B 186 -9.64 14.38 -15.17
N GLU B 187 -9.50 15.58 -15.75
CA GLU B 187 -10.53 16.29 -16.52
C GLU B 187 -10.22 17.77 -16.38
N GLU B 188 -10.13 18.48 -17.51
CA GLU B 188 -9.82 19.93 -17.51
C GLU B 188 -10.81 20.78 -16.68
N HIS B 189 -12.09 20.44 -16.74
CA HIS B 189 -13.13 21.16 -16.00
C HIS B 189 -12.87 21.11 -14.49
N CYS B 190 -11.94 20.26 -14.06
CA CYS B 190 -11.60 20.09 -12.65
C CYS B 190 -10.09 20.05 -12.30
N ASP B 191 -9.19 20.22 -13.27
CA ASP B 191 -7.75 20.12 -12.99
C ASP B 191 -7.17 21.39 -12.34
N ILE B 192 -7.23 21.44 -11.02
CA ILE B 192 -6.71 22.57 -10.25
C ILE B 192 -5.20 22.57 -10.10
N PHE B 193 -4.48 21.72 -10.84
CA PHE B 193 -3.02 21.69 -10.80
C PHE B 193 -2.45 21.71 -12.22
N MET B 194 -3.26 22.13 -13.17
CA MET B 194 -2.85 22.16 -14.58
C MET B 194 -1.67 23.07 -14.85
N ASN B 195 -1.70 24.27 -14.28
CA ASN B 195 -0.63 25.24 -14.51
C ASN B 195 0.60 25.11 -13.60
N LEU B 196 0.75 23.96 -12.94
CA LEU B 196 1.94 23.65 -12.17
C LEU B 196 2.88 23.03 -13.20
N THR B 197 4.17 22.93 -12.88
CA THR B 197 5.11 22.25 -13.79
C THR B 197 4.94 20.74 -13.61
N LYS B 198 5.58 19.95 -14.46
CA LYS B 198 5.50 18.49 -14.33
C LYS B 198 6.17 18.07 -13.00
N LYS B 199 7.23 18.80 -12.66
CA LYS B 199 8.00 18.59 -11.44
C LYS B 199 7.19 18.92 -10.19
N GLN B 200 6.37 19.96 -10.24
CA GLN B 200 5.59 20.34 -9.08
C GLN B 200 4.44 19.35 -8.79
N ARG B 201 3.78 18.81 -9.83
CA ARG B 201 2.68 17.84 -9.64
C ARG B 201 3.18 16.61 -8.88
N GLN B 202 4.29 16.07 -9.36
CA GLN B 202 4.89 14.87 -8.78
C GLN B 202 5.34 15.06 -7.34
N THR B 203 5.99 16.19 -7.03
CA THR B 203 6.38 16.47 -5.65
C THR B 203 5.12 16.60 -4.75
N LEU B 204 4.11 17.31 -5.26
CA LEU B 204 2.87 17.55 -4.53
C LEU B 204 2.09 16.26 -4.28
N ARG B 205 2.20 15.31 -5.21
CA ARG B 205 1.52 14.03 -5.12
C ARG B 205 2.22 13.16 -4.11
N LYS B 206 3.55 13.13 -4.13
CA LYS B 206 4.34 12.37 -3.18
C LYS B 206 3.96 12.85 -1.79
N MET B 207 3.91 14.18 -1.65
CA MET B 207 3.61 14.80 -0.38
C MET B 207 2.20 14.52 0.10
N VAL B 208 1.22 14.70 -0.78
CA VAL B 208 -0.18 14.47 -0.42
C VAL B 208 -0.39 13.02 -0.01
N ILE B 209 0.15 12.07 -0.78
CA ILE B 209 0.01 10.64 -0.48
C ILE B 209 0.52 10.33 0.91
N ASP B 210 1.70 10.87 1.20
CA ASP B 210 2.36 10.74 2.51
C ASP B 210 1.45 11.27 3.63
N MET B 211 1.07 12.54 3.52
CA MET B 211 0.24 13.21 4.54
C MET B 211 -1.05 12.44 4.81
N VAL B 212 -1.81 12.12 3.76
CA VAL B 212 -3.09 11.43 3.86
C VAL B 212 -2.99 10.00 4.42
N LEU B 213 -1.99 9.25 3.99
CA LEU B 213 -1.74 7.90 4.52
C LEU B 213 -1.40 7.92 6.01
N ALA B 214 -0.84 9.02 6.49
CA ALA B 214 -0.51 9.18 7.92
C ALA B 214 -1.74 9.39 8.83
N THR B 215 -2.91 9.65 8.25
CA THR B 215 -4.11 9.84 9.06
C THR B 215 -4.64 8.49 9.53
N ASP B 216 -4.03 7.43 9.03
CA ASP B 216 -4.36 6.06 9.39
C ASP B 216 -3.91 5.91 10.85
N MET B 217 -4.87 5.63 11.74
CA MET B 217 -4.60 5.54 13.16
C MET B 217 -3.74 4.35 13.57
N SER B 218 -3.68 3.31 12.73
CA SER B 218 -2.81 2.17 12.98
C SER B 218 -1.32 2.60 12.95
N LYS B 219 -1.06 3.78 12.37
CA LYS B 219 0.26 4.37 12.24
C LYS B 219 0.55 5.48 13.27
N HIS B 220 -0.45 5.83 14.07
CA HIS B 220 -0.36 6.88 15.07
C HIS B 220 0.81 6.73 16.04
N MET B 221 1.03 5.53 16.55
CA MET B 221 2.10 5.29 17.52
C MET B 221 3.51 5.49 16.93
N SER B 222 3.74 5.08 15.68
CA SER B 222 5.05 5.25 15.06
C SER B 222 5.31 6.70 14.67
N LEU B 223 4.24 7.47 14.48
CA LEU B 223 4.31 8.87 14.11
C LEU B 223 4.62 9.75 15.32
N LEU B 224 4.00 9.40 16.46
CA LEU B 224 4.19 10.10 17.72
C LEU B 224 5.60 9.85 18.21
N ALA B 225 6.08 8.63 17.97
CA ALA B 225 7.42 8.21 18.36
C ALA B 225 8.46 8.99 17.57
N ASP B 226 8.21 9.17 16.28
CA ASP B 226 9.12 9.91 15.42
C ASP B 226 9.05 11.40 15.72
N LEU B 227 7.89 11.86 16.21
CA LEU B 227 7.69 13.27 16.54
C LEU B 227 8.47 13.68 17.79
N LYS B 228 8.62 12.74 18.72
CA LYS B 228 9.38 12.99 19.95
C LYS B 228 10.87 13.08 19.61
N THR B 229 11.30 12.31 18.62
CA THR B 229 12.68 12.30 18.16
C THR B 229 13.03 13.61 17.44
N MET B 230 12.06 14.17 16.72
CA MET B 230 12.27 15.42 16.00
C MET B 230 12.42 16.59 16.98
N VAL B 231 11.64 16.55 18.06
CA VAL B 231 11.64 17.57 19.12
C VAL B 231 13.00 17.61 19.86
N GLU B 232 13.61 16.43 20.01
CA GLU B 232 14.87 16.28 20.72
C GLU B 232 16.07 16.86 19.96
N THR B 233 16.07 16.74 18.63
CA THR B 233 17.16 17.27 17.80
C THR B 233 16.73 18.59 17.14
N LYS B 234 15.83 19.30 17.80
CA LYS B 234 15.30 20.56 17.32
C LYS B 234 16.37 21.65 17.36
N LYS B 235 16.42 22.45 16.30
CA LYS B 235 17.36 23.56 16.20
C LYS B 235 16.61 24.77 15.65
N VAL B 236 16.60 25.87 16.40
CA VAL B 236 15.92 27.09 15.96
C VAL B 236 16.92 28.15 15.52
N THR B 237 16.39 29.29 15.06
CA THR B 237 17.20 30.44 14.66
C THR B 237 17.04 31.52 15.72
N SER B 238 17.77 32.63 15.57
CA SER B 238 17.70 33.73 16.53
C SER B 238 16.30 34.31 16.68
N SER B 239 15.51 34.25 15.60
CA SER B 239 14.13 34.77 15.60
C SER B 239 13.09 33.76 16.13
N GLY B 240 13.55 32.68 16.77
CA GLY B 240 12.68 31.67 17.33
C GLY B 240 11.89 30.87 16.31
N VAL B 241 12.58 30.38 15.28
CA VAL B 241 11.93 29.57 14.24
C VAL B 241 12.76 28.33 13.92
N LEU B 242 12.05 27.23 13.67
CA LEU B 242 12.66 25.92 13.41
C LEU B 242 13.49 25.83 12.13
N LEU B 243 14.53 25.01 12.21
CA LEU B 243 15.46 24.78 11.11
C LEU B 243 15.25 23.33 10.66
N LEU B 244 14.83 23.18 9.41
CA LEU B 244 14.57 21.87 8.83
C LEU B 244 15.45 21.64 7.60
N ASP B 245 16.54 20.89 7.81
CA ASP B 245 17.54 20.55 6.78
C ASP B 245 17.03 20.58 5.34
N ASN B 246 16.30 19.54 4.94
CA ASN B 246 15.72 19.47 3.61
C ASN B 246 14.36 18.76 3.68
N TYR B 247 14.09 17.85 2.75
CA TYR B 247 12.78 17.22 2.63
C TYR B 247 12.29 16.32 3.77
N THR B 248 13.08 15.35 4.20
CA THR B 248 12.63 14.42 5.25
C THR B 248 12.09 15.17 6.44
N ASP B 249 12.79 16.23 6.83
CA ASP B 249 12.41 17.04 7.98
C ASP B 249 11.07 17.78 7.80
N ARG B 250 10.90 18.43 6.65
CA ARG B 250 9.69 19.21 6.40
C ARG B 250 8.43 18.35 6.30
N ILE B 251 8.46 17.31 5.47
CA ILE B 251 7.29 16.42 5.32
C ILE B 251 6.92 15.70 6.62
N GLN B 252 7.89 15.49 7.51
CA GLN B 252 7.60 14.84 8.79
C GLN B 252 6.72 15.75 9.65
N VAL B 253 7.06 17.03 9.69
CA VAL B 253 6.27 18.01 10.43
C VAL B 253 4.89 18.17 9.75
N LEU B 254 4.86 18.14 8.43
CA LEU B 254 3.61 18.26 7.67
C LEU B 254 2.71 17.04 7.86
N ARG B 255 3.31 15.86 7.95
CA ARG B 255 2.57 14.63 8.23
C ARG B 255 1.88 14.82 9.56
N ASN B 256 2.66 15.20 10.57
CA ASN B 256 2.18 15.34 11.95
C ASN B 256 1.21 16.48 12.15
N MET B 257 1.26 17.47 11.28
CA MET B 257 0.37 18.61 11.38
C MET B 257 -1.00 18.18 10.94
N VAL B 258 -1.08 17.55 9.77
CA VAL B 258 -2.36 17.10 9.23
C VAL B 258 -2.92 16.04 10.15
N HIS B 259 -2.05 15.25 10.75
CA HIS B 259 -2.50 14.24 11.71
C HIS B 259 -3.10 14.94 12.94
N CYS B 260 -2.45 16.00 13.40
CA CYS B 260 -2.94 16.79 14.54
C CYS B 260 -4.27 17.48 14.25
N ALA B 261 -4.44 17.98 13.03
CA ALA B 261 -5.72 18.61 12.64
C ALA B 261 -6.87 17.60 12.75
N ASP B 262 -6.60 16.36 12.39
CA ASP B 262 -7.53 15.24 12.51
C ASP B 262 -7.90 14.93 13.97
N LEU B 263 -6.95 15.10 14.88
CA LEU B 263 -7.19 14.85 16.31
C LEU B 263 -7.39 16.17 17.06
N SER B 264 -7.92 17.17 16.36
CA SER B 264 -8.10 18.50 16.93
C SER B 264 -9.44 18.74 17.60
N ASN B 265 -10.37 17.80 17.49
CA ASN B 265 -11.69 18.02 18.04
C ASN B 265 -11.68 18.41 19.54
N PRO B 266 -10.93 17.69 20.38
CA PRO B 266 -10.85 18.00 21.81
C PRO B 266 -10.07 19.27 22.19
N THR B 267 -9.43 19.95 21.23
CA THR B 267 -8.70 21.18 21.50
C THR B 267 -9.55 22.43 21.29
N LYS B 268 -10.69 22.28 20.62
CA LYS B 268 -11.62 23.37 20.37
C LYS B 268 -12.44 23.66 21.62
N SER B 269 -13.24 24.73 21.58
CA SER B 269 -14.08 25.12 22.72
C SER B 269 -15.06 24.01 23.06
N LEU B 270 -15.39 23.84 24.33
CA LEU B 270 -16.30 22.77 24.75
C LEU B 270 -17.60 22.66 23.94
N GLU B 271 -18.15 23.77 23.47
CA GLU B 271 -19.42 23.70 22.71
C GLU B 271 -19.29 23.03 21.34
N LEU B 272 -18.15 23.18 20.67
CA LEU B 272 -17.91 22.51 19.38
C LEU B 272 -17.52 21.04 19.62
N TYR B 273 -16.58 20.84 20.53
CA TYR B 273 -16.09 19.51 20.88
C TYR B 273 -17.20 18.55 21.30
N ARG B 274 -18.27 19.06 21.89
CA ARG B 274 -19.39 18.20 22.31
C ARG B 274 -20.25 17.78 21.12
N GLN B 275 -20.33 18.62 20.09
CA GLN B 275 -21.10 18.30 18.89
C GLN B 275 -20.35 17.26 18.07
N TRP B 276 -19.02 17.37 18.05
CA TRP B 276 -18.17 16.43 17.34
C TRP B 276 -18.26 15.06 18.02
N THR B 277 -18.17 15.08 19.35
CA THR B 277 -18.22 13.87 20.17
C THR B 277 -19.54 13.13 20.00
N ASP B 278 -20.63 13.87 19.82
CA ASP B 278 -21.92 13.24 19.62
C ASP B 278 -22.00 12.66 18.21
N ARG B 279 -21.42 13.36 17.25
CA ARG B 279 -21.39 12.89 15.86
C ARG B 279 -20.63 11.58 15.72
N ILE B 280 -19.37 11.60 16.13
CA ILE B 280 -18.51 10.43 16.03
C ILE B 280 -19.14 9.22 16.71
N MET B 281 -19.72 9.46 17.88
CA MET B 281 -20.34 8.43 18.68
C MET B 281 -21.57 7.87 17.98
N GLU B 282 -22.29 8.70 17.24
CA GLU B 282 -23.45 8.21 16.50
C GLU B 282 -22.98 7.25 15.43
N GLU B 283 -21.90 7.62 14.75
CA GLU B 283 -21.29 6.81 13.68
C GLU B 283 -20.80 5.47 14.20
N PHE B 284 -20.18 5.47 15.38
CA PHE B 284 -19.65 4.27 16.01
C PHE B 284 -20.80 3.32 16.44
N PHE B 285 -21.86 3.85 17.06
CA PHE B 285 -23.00 3.01 17.43
C PHE B 285 -23.72 2.52 16.17
N GLN B 286 -23.53 3.25 15.07
CA GLN B 286 -24.10 2.87 13.79
C GLN B 286 -23.42 1.58 13.34
N GLN B 287 -22.09 1.57 13.42
CA GLN B 287 -21.30 0.39 13.07
C GLN B 287 -21.62 -0.80 13.99
N GLY B 288 -21.74 -0.52 15.29
CA GLY B 288 -22.00 -1.55 16.28
C GLY B 288 -23.28 -2.30 16.02
N ASP B 289 -24.28 -1.59 15.50
CA ASP B 289 -25.58 -2.16 15.16
C ASP B 289 -25.41 -3.03 13.91
N LYS B 290 -24.53 -2.61 13.01
CA LYS B 290 -24.20 -3.35 11.78
C LYS B 290 -23.41 -4.63 12.10
N GLU B 291 -22.45 -4.53 13.02
CA GLU B 291 -21.63 -5.68 13.43
C GLU B 291 -22.54 -6.72 14.10
N ARG B 292 -23.60 -6.24 14.75
CA ARG B 292 -24.56 -7.11 15.42
C ARG B 292 -25.48 -7.82 14.43
N GLU B 293 -25.92 -7.10 13.40
CA GLU B 293 -26.83 -7.69 12.39
C GLU B 293 -26.13 -8.81 11.65
N ARG B 294 -24.89 -8.56 11.24
CA ARG B 294 -24.09 -9.56 10.52
C ARG B 294 -23.57 -10.67 11.44
N GLY B 295 -23.70 -10.51 12.75
CA GLY B 295 -23.27 -11.52 13.70
C GLY B 295 -21.83 -11.48 14.18
N MET B 296 -21.07 -10.47 13.76
CA MET B 296 -19.66 -10.33 14.18
C MET B 296 -19.55 -9.99 15.66
N GLU B 297 -18.32 -9.92 16.18
CA GLU B 297 -18.10 -9.56 17.58
C GLU B 297 -18.05 -8.04 17.65
N ILE B 298 -18.80 -7.45 18.58
CA ILE B 298 -18.89 -5.99 18.72
C ILE B 298 -17.64 -5.43 19.37
N SER B 299 -17.22 -4.24 18.94
CA SER B 299 -16.07 -3.55 19.51
C SER B 299 -16.63 -2.79 20.70
N PRO B 300 -16.22 -3.12 21.94
CA PRO B 300 -16.78 -2.48 23.14
C PRO B 300 -16.95 -0.95 23.11
N MET B 301 -16.21 -0.24 22.27
CA MET B 301 -16.39 1.22 22.16
C MET B 301 -17.58 1.61 21.26
N CYS B 302 -17.92 0.76 20.30
CA CYS B 302 -19.05 0.99 19.39
C CYS B 302 -20.37 0.32 19.85
N ASP B 303 -20.46 -0.06 21.12
CA ASP B 303 -21.65 -0.77 21.63
C ASP B 303 -22.69 0.18 22.25
N LYS B 304 -23.75 0.48 21.50
CA LYS B 304 -24.76 1.41 21.99
C LYS B 304 -25.45 0.98 23.29
N HIS B 305 -25.37 -0.30 23.65
CA HIS B 305 -26.03 -0.81 24.87
C HIS B 305 -25.18 -0.78 26.15
N THR B 306 -23.85 -0.84 26.03
CA THR B 306 -22.95 -0.83 27.20
C THR B 306 -22.02 0.36 27.31
N ALA B 307 -21.58 0.91 26.18
CA ALA B 307 -20.59 1.98 26.16
C ALA B 307 -21.05 3.32 26.74
N SER B 308 -20.14 3.92 27.51
CA SER B 308 -20.34 5.25 28.07
C SER B 308 -19.59 6.21 27.18
N VAL B 309 -20.30 7.21 26.64
CA VAL B 309 -19.70 8.23 25.79
C VAL B 309 -18.70 9.06 26.59
N GLU B 310 -19.01 9.25 27.87
CA GLU B 310 -18.19 10.07 28.77
C GLU B 310 -16.83 9.43 29.03
N LYS B 311 -16.84 8.23 29.62
CA LYS B 311 -15.61 7.48 29.90
C LYS B 311 -14.76 7.27 28.64
N SER B 312 -15.39 7.30 27.47
CA SER B 312 -14.69 7.14 26.19
C SER B 312 -13.78 8.32 25.82
N GLN B 313 -14.22 9.54 26.06
CA GLN B 313 -13.41 10.74 25.78
C GLN B 313 -12.26 10.92 26.77
N VAL B 314 -12.48 10.57 28.03
CA VAL B 314 -11.41 10.64 29.02
C VAL B 314 -10.27 9.76 28.52
N GLY B 315 -10.62 8.59 27.99
CA GLY B 315 -9.65 7.65 27.47
C GLY B 315 -9.00 8.09 26.16
N PHE B 316 -9.77 8.76 25.31
CA PHE B 316 -9.27 9.22 24.02
C PHE B 316 -8.20 10.30 24.21
N ILE B 317 -8.48 11.32 25.00
CA ILE B 317 -7.53 12.41 25.20
C ILE B 317 -6.33 11.97 26.04
N ASP B 318 -6.55 11.15 27.06
CA ASP B 318 -5.44 10.72 27.94
C ASP B 318 -4.43 9.82 27.24
N TYR B 319 -4.91 8.90 26.41
CA TYR B 319 -4.04 7.93 25.74
C TYR B 319 -3.68 8.24 24.29
N ILE B 320 -4.38 9.19 23.66
CA ILE B 320 -4.12 9.53 22.25
C ILE B 320 -3.88 11.02 21.98
N VAL B 321 -4.90 11.85 22.23
CA VAL B 321 -4.82 13.26 21.85
C VAL B 321 -3.87 14.11 22.69
N HIS B 322 -3.76 13.83 23.98
CA HIS B 322 -2.87 14.60 24.87
C HIS B 322 -1.40 14.31 24.53
N PRO B 323 -0.97 13.05 24.51
CA PRO B 323 0.41 12.73 24.16
C PRO B 323 0.86 13.35 22.85
N LEU B 324 -0.04 13.37 21.86
CA LEU B 324 0.27 13.91 20.55
C LEU B 324 0.44 15.42 20.57
N TRP B 325 -0.61 16.13 21.02
CA TRP B 325 -0.57 17.61 21.06
C TRP B 325 0.44 18.17 22.06
N GLU B 326 0.76 17.40 23.09
CA GLU B 326 1.75 17.80 24.10
C GLU B 326 3.12 17.80 23.45
N THR B 327 3.35 16.83 22.57
CA THR B 327 4.59 16.73 21.82
C THR B 327 4.66 17.83 20.77
N TRP B 328 3.53 18.12 20.14
CA TRP B 328 3.45 19.16 19.13
C TRP B 328 3.68 20.52 19.78
N ALA B 329 3.19 20.66 21.01
CA ALA B 329 3.35 21.90 21.76
C ALA B 329 4.82 22.17 21.98
N ASP B 330 5.58 21.12 22.27
CA ASP B 330 7.03 21.26 22.50
C ASP B 330 7.74 21.68 21.22
N LEU B 331 7.26 21.19 20.08
CA LEU B 331 7.86 21.51 18.78
C LEU B 331 7.71 22.97 18.40
N VAL B 332 6.58 23.56 18.75
CA VAL B 332 6.27 24.95 18.39
C VAL B 332 6.15 25.90 19.57
N GLN B 333 6.55 25.43 20.76
CA GLN B 333 6.50 26.21 22.00
C GLN B 333 6.83 27.69 21.77
N PRO B 334 6.07 28.62 22.37
CA PRO B 334 4.92 28.35 23.27
C PRO B 334 3.56 28.59 22.60
N ASP B 335 3.50 28.47 21.27
CA ASP B 335 2.30 28.77 20.48
C ASP B 335 1.09 27.89 20.75
N ALA B 336 1.33 26.61 21.02
CA ALA B 336 0.26 25.65 21.27
C ALA B 336 -0.14 25.56 22.75
N GLN B 337 0.37 26.47 23.58
CA GLN B 337 0.02 26.47 25.00
C GLN B 337 -1.47 26.69 25.21
N ASP B 338 -2.05 27.62 24.45
CA ASP B 338 -3.48 27.93 24.52
C ASP B 338 -4.33 26.67 24.30
N ILE B 339 -4.00 25.93 23.24
CA ILE B 339 -4.71 24.70 22.89
C ILE B 339 -4.62 23.66 24.01
N LEU B 340 -3.42 23.52 24.59
CA LEU B 340 -3.17 22.55 25.66
C LEU B 340 -4.04 22.83 26.88
N ASP B 341 -4.28 24.12 27.13
CA ASP B 341 -5.09 24.55 28.27
C ASP B 341 -6.55 24.14 28.09
N THR B 342 -7.08 24.27 26.87
CA THR B 342 -8.45 23.90 26.55
C THR B 342 -8.62 22.37 26.56
N LEU B 343 -7.53 21.66 26.29
CA LEU B 343 -7.52 20.22 26.21
C LEU B 343 -7.77 19.61 27.56
N GLU B 344 -7.00 20.05 28.55
CA GLU B 344 -7.14 19.54 29.92
C GLU B 344 -8.45 19.98 30.58
N ASP B 345 -9.03 21.07 30.10
CA ASP B 345 -10.30 21.58 30.62
C ASP B 345 -11.43 20.69 30.12
N ASN B 346 -11.42 20.39 28.82
CA ASN B 346 -12.42 19.52 28.21
C ASN B 346 -12.31 18.09 28.77
N ARG B 347 -11.08 17.67 29.02
CA ARG B 347 -10.80 16.37 29.59
C ARG B 347 -11.39 16.28 31.00
N ASN B 348 -11.25 17.38 31.74
CA ASN B 348 -11.77 17.48 33.10
C ASN B 348 -13.29 17.60 33.14
N TRP B 349 -13.89 18.10 32.05
CA TRP B 349 -15.33 18.25 31.97
C TRP B 349 -16.03 16.92 31.74
N TYR B 350 -15.53 16.16 30.78
CA TYR B 350 -16.10 14.86 30.45
C TYR B 350 -15.93 13.91 31.63
N GLN B 351 -14.82 14.07 32.35
CA GLN B 351 -14.55 13.27 33.54
C GLN B 351 -15.56 13.61 34.64
N SER B 352 -16.00 14.86 34.68
CA SER B 352 -16.99 15.30 35.68
C SER B 352 -18.40 14.77 35.41
N MET B 353 -18.64 14.24 34.21
CA MET B 353 -19.96 13.71 33.82
C MET B 353 -20.23 12.22 34.12
N ILE B 354 -19.48 11.64 35.04
CA ILE B 354 -19.62 10.23 35.45
C ILE B 354 -19.36 10.10 36.95
N PRO B 355 -20.17 9.32 37.67
CA PRO B 355 -19.96 9.12 39.11
C PRO B 355 -18.73 8.24 39.42
#